data_3WV4
#
_entry.id   3WV4
#
_cell.length_a   81.190
_cell.length_b   109.820
_cell.length_c   201.460
_cell.angle_alpha   90.00
_cell.angle_beta   90.00
_cell.angle_gamma   90.00
#
_symmetry.space_group_name_H-M   'C 2 2 21'
#
loop_
_entity.id
_entity.type
_entity.pdbx_description
1 polymer 'Non-ribosomal peptide synthetase'
2 water water
#
_entity_poly.entity_id   1
_entity_poly.type   'polypeptide(L)'
_entity_poly.pdbx_seq_one_letter_code
;MNHKVHHHHHHIEGRHMYSPDRRAALNSVANMVSDNADKDLRYGGLVHDLLADSGKATPNSDAMEDAFGTWTYQELLNHS
QAFSAWLDGKGVARGERIVVQLPNIRQTVAVFYGACRRGVVFVPLNPGMKPFHLRSVIADADPRLVIAEDETAADRLRDV
TDLPVYSIDSLWADVERLRDAGAGAEAVEVSPEDLAVLIYTSGSTAAPKAVACPHQQIVFAASSINAVLGYHAEDIVFCR
MSVSWDFGLYKVLISTLTGAKLVLAGGEPDIALVKSLRESGATMMPIVPSLASMLTTLIRRDPEGAPTLRMFTNSAAALP
QVTIDALRSAFPGAQVVRMYGQTECKRISIMPPHLEHERPDSVGLPLPGTTIEILDEDGTLLPPGEPGEITVTGPHVMAG
YWRAPEITARAYRRDETTGAMRLHTGDYGHLDEDGFLYFGGR
;
_entity_poly.pdbx_strand_id   A,B
#
# COMPACT_ATOMS: atom_id res chain seq x y z
N ASP A 40 29.93 -5.22 -17.73
CA ASP A 40 28.64 -6.00 -17.88
C ASP A 40 27.36 -5.14 -17.92
N LEU A 41 27.43 -3.92 -17.40
CA LEU A 41 26.24 -3.10 -17.38
C LEU A 41 25.97 -2.59 -18.76
N ARG A 42 24.71 -2.48 -19.14
CA ARG A 42 24.34 -1.99 -20.46
C ARG A 42 23.75 -0.59 -20.42
N TYR A 43 24.40 0.32 -21.17
CA TYR A 43 23.99 1.70 -21.33
C TYR A 43 23.56 1.99 -22.75
N GLY A 44 22.62 2.92 -22.90
CA GLY A 44 22.12 3.32 -24.20
C GLY A 44 21.42 2.21 -24.97
N GLY A 45 20.96 1.16 -24.31
CA GLY A 45 20.42 0.02 -25.00
C GLY A 45 18.99 0.12 -25.45
N LEU A 46 18.67 -0.76 -26.41
CA LEU A 46 17.31 -0.96 -26.89
C LEU A 46 16.80 -2.34 -26.46
N VAL A 47 15.56 -2.40 -25.98
CA VAL A 47 15.00 -3.63 -25.44
C VAL A 47 15.04 -4.83 -26.39
N HIS A 48 14.66 -4.60 -27.61
CA HIS A 48 14.50 -5.70 -28.59
C HIS A 48 15.86 -6.13 -29.10
N ASP A 49 16.91 -5.33 -28.89
CA ASP A 49 18.21 -5.83 -29.24
C ASP A 49 18.57 -7.03 -28.37
N LEU A 50 18.09 -7.11 -27.13
CA LEU A 50 18.33 -8.27 -26.30
C LEU A 50 17.85 -9.54 -27.04
N LEU A 51 16.67 -9.48 -27.64
CA LEU A 51 16.08 -10.59 -28.36
C LEU A 51 16.84 -10.86 -29.64
N ALA A 52 17.11 -9.84 -30.41
CA ALA A 52 17.91 -10.02 -31.62
C ALA A 52 19.23 -10.65 -31.31
N ASP A 53 19.90 -10.24 -30.23
CA ASP A 53 21.19 -10.87 -29.90
C ASP A 53 21.07 -12.35 -29.59
N SER A 54 20.13 -12.70 -28.75
CA SER A 54 19.96 -14.08 -28.42
C SER A 54 19.40 -14.91 -29.56
N GLY A 55 18.54 -14.32 -30.38
CA GLY A 55 18.09 -14.98 -31.61
C GLY A 55 19.25 -15.38 -32.53
N LYS A 56 20.32 -14.57 -32.57
CA LYS A 56 21.52 -14.90 -33.39
C LYS A 56 22.51 -15.79 -32.69
N ALA A 57 22.74 -15.53 -31.41
CA ALA A 57 23.71 -16.26 -30.65
C ALA A 57 23.28 -17.69 -30.36
N THR A 58 22.04 -17.89 -29.93
CA THR A 58 21.54 -19.24 -29.61
C THR A 58 20.11 -19.46 -30.19
N PRO A 59 19.95 -19.43 -31.53
CA PRO A 59 18.59 -19.53 -32.11
C PRO A 59 17.80 -20.76 -31.69
N ASN A 60 18.49 -21.86 -31.48
CA ASN A 60 17.85 -23.10 -31.17
C ASN A 60 17.71 -23.45 -29.71
N SER A 61 18.21 -22.66 -28.75
CA SER A 61 17.86 -22.95 -27.32
C SER A 61 16.41 -22.55 -27.07
N ASP A 62 15.85 -23.13 -26.03
CA ASP A 62 14.50 -22.85 -25.65
C ASP A 62 14.44 -21.52 -24.87
N ALA A 63 13.49 -20.67 -25.26
CA ALA A 63 13.38 -19.38 -24.70
C ALA A 63 12.17 -19.24 -23.77
N MET A 64 11.03 -19.81 -24.18
CA MET A 64 9.74 -19.58 -23.52
C MET A 64 8.94 -20.88 -23.58
N GLU A 65 8.47 -21.34 -22.43
CA GLU A 65 7.48 -22.39 -22.37
C GLU A 65 6.29 -21.88 -21.57
N ASP A 66 5.09 -22.19 -22.07
CA ASP A 66 3.85 -21.88 -21.35
C ASP A 66 3.05 -23.18 -21.31
N ALA A 67 1.79 -23.11 -20.85
CA ALA A 67 0.93 -24.31 -20.78
C ALA A 67 0.77 -25.01 -22.12
N PHE A 68 0.90 -24.28 -23.23
CA PHE A 68 0.50 -24.80 -24.56
C PHE A 68 1.65 -25.24 -25.46
N GLY A 69 2.87 -24.76 -25.22
CA GLY A 69 4.02 -25.24 -26.01
C GLY A 69 5.29 -24.51 -25.63
N THR A 70 6.33 -24.65 -26.46
CA THR A 70 7.64 -24.05 -26.20
C THR A 70 8.13 -23.37 -27.48
N TRP A 71 8.75 -22.19 -27.32
CA TRP A 71 9.45 -21.52 -28.43
C TRP A 71 10.94 -21.44 -28.17
N THR A 72 11.73 -21.66 -29.20
CA THR A 72 13.13 -21.38 -29.17
C THR A 72 13.34 -19.90 -29.34
N TYR A 73 14.57 -19.42 -29.18
CA TYR A 73 14.86 -18.00 -29.40
C TYR A 73 14.59 -17.59 -30.83
N GLN A 74 14.87 -18.49 -31.78
CA GLN A 74 14.49 -18.22 -33.16
C GLN A 74 13.01 -18.03 -33.33
N GLU A 75 12.22 -18.94 -32.76
CA GLU A 75 10.75 -18.86 -32.86
C GLU A 75 10.26 -17.60 -32.26
N LEU A 76 10.80 -17.23 -31.10
CA LEU A 76 10.34 -16.00 -30.43
C LEU A 76 10.60 -14.80 -31.31
N LEU A 77 11.76 -14.77 -31.93
CA LEU A 77 12.13 -13.65 -32.78
C LEU A 77 11.23 -13.61 -34.01
N ASN A 78 11.00 -14.76 -34.63
CA ASN A 78 10.13 -14.84 -35.79
C ASN A 78 8.74 -14.23 -35.48
N HIS A 79 8.12 -14.72 -34.41
CA HIS A 79 6.79 -14.26 -34.01
C HIS A 79 6.81 -12.80 -33.61
N SER A 80 7.89 -12.33 -32.99
CA SER A 80 8.02 -10.91 -32.63
C SER A 80 8.06 -10.03 -33.88
N GLN A 81 8.89 -10.40 -34.84
CA GLN A 81 8.90 -9.73 -36.17
C GLN A 81 7.54 -9.72 -36.84
N ALA A 82 6.87 -10.89 -36.83
CA ALA A 82 5.54 -10.98 -37.43
C ALA A 82 4.58 -10.04 -36.74
N PHE A 83 4.68 -9.97 -35.42
CA PHE A 83 3.80 -9.06 -34.69
C PHE A 83 4.12 -7.60 -35.03
N SER A 84 5.41 -7.28 -35.22
CA SER A 84 5.77 -5.95 -35.68
C SER A 84 5.09 -5.63 -37.06
N ALA A 85 5.06 -6.59 -37.99
CA ALA A 85 4.43 -6.35 -39.30
C ALA A 85 2.96 -6.11 -39.14
N TRP A 86 2.35 -6.78 -38.17
CA TRP A 86 0.98 -6.52 -37.88
C TRP A 86 0.77 -5.10 -37.39
N LEU A 87 1.64 -4.63 -36.49
CA LEU A 87 1.54 -3.25 -36.08
C LEU A 87 1.65 -2.34 -37.30
N ASP A 88 2.65 -2.58 -38.14
CA ASP A 88 2.85 -1.78 -39.33
C ASP A 88 1.57 -1.79 -40.18
N GLY A 89 0.96 -2.96 -40.31
CA GLY A 89 -0.27 -3.16 -41.10
C GLY A 89 -1.41 -2.34 -40.58
N LYS A 90 -1.46 -2.16 -39.27
CA LYS A 90 -2.53 -1.38 -38.63
C LYS A 90 -2.19 0.10 -38.52
N GLY A 91 -1.00 0.49 -38.98
CA GLY A 91 -0.62 1.87 -38.95
C GLY A 91 -0.30 2.40 -37.55
N VAL A 92 0.22 1.54 -36.67
CA VAL A 92 0.54 1.95 -35.31
C VAL A 92 1.95 2.41 -35.40
N ALA A 93 2.23 3.62 -34.97
CA ALA A 93 3.48 4.24 -35.28
C ALA A 93 4.32 4.47 -34.03
N ARG A 94 5.58 4.81 -34.28
CA ARG A 94 6.52 5.09 -33.22
C ARG A 94 5.93 6.00 -32.19
N GLY A 95 6.03 5.63 -30.94
CA GLY A 95 5.61 6.52 -29.85
C GLY A 95 4.19 6.29 -29.40
N GLU A 96 3.40 5.59 -30.22
CA GLU A 96 1.99 5.37 -29.91
C GLU A 96 1.90 4.18 -28.97
N ARG A 97 0.81 4.13 -28.20
CA ARG A 97 0.63 3.09 -27.20
C ARG A 97 -0.29 1.99 -27.70
N ILE A 98 -0.06 0.77 -27.19
CA ILE A 98 -1.02 -0.30 -27.26
C ILE A 98 -1.24 -0.85 -25.87
N VAL A 99 -2.49 -1.05 -25.52
CA VAL A 99 -2.86 -1.67 -24.29
C VAL A 99 -3.15 -3.14 -24.49
N VAL A 100 -2.62 -3.95 -23.58
CA VAL A 100 -2.54 -5.36 -23.76
C VAL A 100 -2.96 -5.98 -22.45
N GLN A 101 -4.00 -6.81 -22.51
CA GLN A 101 -4.53 -7.50 -21.33
C GLN A 101 -4.55 -8.97 -21.60
N LEU A 102 -3.47 -9.62 -21.25
CA LEU A 102 -3.24 -10.98 -21.61
C LEU A 102 -2.60 -11.72 -20.49
N PRO A 103 -2.83 -13.05 -20.46
CA PRO A 103 -2.22 -13.88 -19.47
C PRO A 103 -0.76 -14.21 -19.85
N ASN A 104 -0.13 -15.05 -19.03
CA ASN A 104 1.20 -15.58 -19.21
C ASN A 104 1.28 -16.63 -20.28
N ILE A 105 1.37 -16.15 -21.53
CA ILE A 105 1.50 -17.02 -22.66
C ILE A 105 2.57 -16.46 -23.59
N ARG A 106 3.16 -17.34 -24.41
CA ARG A 106 4.21 -16.94 -25.32
C ARG A 106 3.86 -15.74 -26.17
N GLN A 107 2.60 -15.63 -26.58
CA GLN A 107 2.13 -14.57 -27.45
C GLN A 107 2.35 -13.22 -26.85
N THR A 108 2.12 -13.08 -25.55
CA THR A 108 2.31 -11.79 -24.89
C THR A 108 3.77 -11.29 -24.96
N VAL A 109 4.72 -12.19 -24.95
CA VAL A 109 6.14 -11.83 -25.00
C VAL A 109 6.50 -11.36 -26.43
N ALA A 110 5.84 -11.98 -27.40
CA ALA A 110 5.94 -11.59 -28.80
C ALA A 110 5.31 -10.23 -29.05
N VAL A 111 4.18 -9.96 -28.38
CA VAL A 111 3.56 -8.64 -28.46
C VAL A 111 4.50 -7.58 -27.88
N PHE A 112 5.07 -7.88 -26.74
CA PHE A 112 6.01 -6.98 -26.09
C PHE A 112 7.19 -6.68 -27.02
N TYR A 113 7.87 -7.71 -27.47
CA TYR A 113 9.08 -7.47 -28.28
C TYR A 113 8.77 -6.86 -29.64
N GLY A 114 7.67 -7.31 -30.28
CA GLY A 114 7.34 -6.81 -31.61
C GLY A 114 7.03 -5.34 -31.52
N ALA A 115 6.39 -4.94 -30.41
CA ALA A 115 6.10 -3.53 -30.19
C ALA A 115 7.35 -2.71 -29.93
N CYS A 116 8.26 -3.25 -29.15
CA CYS A 116 9.52 -2.54 -28.92
C CYS A 116 10.30 -2.26 -30.23
N ARG A 117 10.32 -3.27 -31.12
CA ARG A 117 11.05 -3.23 -32.40
C ARG A 117 10.50 -2.15 -33.32
N ARG A 118 9.31 -1.64 -33.02
CA ARG A 118 8.71 -0.55 -33.77
C ARG A 118 8.64 0.73 -33.01
N GLY A 119 9.29 0.80 -31.85
CA GLY A 119 9.15 1.97 -30.98
C GLY A 119 7.76 2.18 -30.46
N VAL A 120 6.92 1.15 -30.51
CA VAL A 120 5.54 1.26 -29.98
C VAL A 120 5.61 0.96 -28.48
N VAL A 121 4.75 1.62 -27.73
CA VAL A 121 4.74 1.52 -26.29
C VAL A 121 3.75 0.48 -25.78
N PHE A 122 4.29 -0.48 -25.05
CA PHE A 122 3.57 -1.59 -24.46
C PHE A 122 2.99 -1.15 -23.11
N VAL A 123 1.67 -1.33 -22.95
CA VAL A 123 0.92 -0.94 -21.74
C VAL A 123 0.15 -2.17 -21.24
N PRO A 124 0.81 -3.03 -20.47
CA PRO A 124 0.20 -4.26 -20.02
C PRO A 124 -0.75 -4.05 -18.84
N LEU A 125 -1.89 -4.76 -18.86
CA LEU A 125 -2.92 -4.73 -17.77
C LEU A 125 -3.23 -6.15 -17.28
N ASN A 126 -3.50 -6.26 -15.97
CA ASN A 126 -3.88 -7.53 -15.34
C ASN A 126 -5.30 -7.92 -15.71
N PRO A 127 -5.53 -9.22 -15.93
CA PRO A 127 -6.90 -9.62 -16.17
C PRO A 127 -7.65 -9.33 -14.87
N GLY A 128 -8.97 -9.26 -14.89
CA GLY A 128 -9.70 -9.01 -13.64
C GLY A 128 -9.91 -7.56 -13.17
N MET A 129 -9.45 -6.57 -13.92
CA MET A 129 -9.79 -5.19 -13.60
C MET A 129 -11.25 -4.91 -13.88
N LYS A 130 -11.82 -3.97 -13.14
CA LYS A 130 -13.24 -3.62 -13.22
C LYS A 130 -13.50 -2.59 -14.27
N PRO A 131 -14.71 -2.62 -14.82
CA PRO A 131 -14.94 -1.76 -15.96
C PRO A 131 -14.47 -0.32 -15.81
N PHE A 132 -14.87 0.37 -14.74
CA PHE A 132 -14.53 1.81 -14.69
C PHE A 132 -13.00 2.01 -14.50
N HIS A 133 -12.37 1.02 -13.92
CA HIS A 133 -10.93 1.07 -13.69
C HIS A 133 -10.22 0.99 -15.06
N LEU A 134 -10.68 0.03 -15.88
CA LEU A 134 -10.25 -0.09 -17.28
C LEU A 134 -10.45 1.19 -18.07
N ARG A 135 -11.65 1.78 -18.00
CA ARG A 135 -11.88 3.00 -18.76
C ARG A 135 -10.89 4.10 -18.40
N SER A 136 -10.64 4.28 -17.11
CA SER A 136 -9.73 5.35 -16.62
C SER A 136 -8.29 5.12 -17.11
N VAL A 137 -7.83 3.90 -16.95
CA VAL A 137 -6.43 3.54 -17.26
C VAL A 137 -6.24 3.62 -18.78
N ILE A 138 -7.17 3.05 -19.53
CA ILE A 138 -7.09 3.05 -20.98
C ILE A 138 -7.08 4.46 -21.53
N ALA A 139 -8.00 5.31 -21.05
CA ALA A 139 -8.01 6.72 -21.45
C ALA A 139 -6.74 7.43 -20.98
N ASP A 140 -6.24 7.15 -19.80
CA ASP A 140 -4.97 7.79 -19.43
C ASP A 140 -3.84 7.34 -20.41
N ALA A 141 -3.82 6.06 -20.80
CA ALA A 141 -2.78 5.54 -21.71
C ALA A 141 -2.95 6.07 -23.08
N ASP A 142 -4.20 6.33 -23.44
CA ASP A 142 -4.50 6.93 -24.73
C ASP A 142 -3.89 6.12 -25.90
N PRO A 143 -4.24 4.83 -26.01
CA PRO A 143 -3.60 3.99 -27.03
C PRO A 143 -4.27 4.05 -28.40
N ARG A 144 -3.70 3.33 -29.34
CA ARG A 144 -4.17 3.26 -30.69
C ARG A 144 -5.14 2.08 -30.75
N LEU A 145 -4.90 1.06 -29.93
CA LEU A 145 -5.69 -0.17 -29.95
C LEU A 145 -5.46 -0.99 -28.71
N VAL A 146 -6.25 -2.03 -28.59
CA VAL A 146 -6.30 -2.79 -27.38
C VAL A 146 -6.31 -4.25 -27.73
N ILE A 147 -5.50 -5.03 -27.02
CA ILE A 147 -5.47 -6.47 -27.26
C ILE A 147 -5.99 -7.20 -26.04
N ALA A 148 -6.96 -8.08 -26.27
CA ALA A 148 -7.65 -8.82 -25.21
C ALA A 148 -7.35 -10.30 -25.33
N GLU A 149 -7.69 -11.02 -24.29
CA GLU A 149 -7.41 -12.41 -24.15
C GLU A 149 -8.30 -13.34 -24.99
N ASP A 150 -9.55 -12.95 -25.21
CA ASP A 150 -10.53 -13.78 -25.89
C ASP A 150 -11.69 -12.89 -26.25
N GLU A 151 -12.70 -13.43 -26.88
CA GLU A 151 -13.82 -12.58 -27.35
C GLU A 151 -14.67 -12.05 -26.22
N THR A 152 -14.87 -12.84 -25.20
CA THR A 152 -15.66 -12.38 -24.05
C THR A 152 -14.94 -11.16 -23.45
N ALA A 153 -13.63 -11.31 -23.20
CA ALA A 153 -12.82 -10.21 -22.65
C ALA A 153 -12.79 -9.01 -23.57
N ALA A 154 -12.75 -9.26 -24.87
CA ALA A 154 -12.75 -8.16 -25.81
C ALA A 154 -14.10 -7.46 -25.80
N ASP A 155 -15.19 -8.19 -25.59
CA ASP A 155 -16.52 -7.52 -25.47
C ASP A 155 -16.57 -6.66 -24.21
N ARG A 156 -16.08 -7.17 -23.10
CA ARG A 156 -16.00 -6.34 -21.90
C ARG A 156 -15.20 -5.05 -22.17
N LEU A 157 -14.09 -5.16 -22.90
CA LEU A 157 -13.29 -3.97 -23.18
C LEU A 157 -13.96 -2.98 -24.09
N ARG A 158 -14.80 -3.46 -25.02
CA ARG A 158 -15.54 -2.57 -25.91
C ARG A 158 -16.59 -1.74 -25.17
N ASP A 159 -17.07 -2.20 -24.03
CA ASP A 159 -17.99 -1.38 -23.24
C ASP A 159 -17.27 -0.13 -22.69
N VAL A 160 -15.93 -0.19 -22.59
CA VAL A 160 -15.22 0.86 -21.86
C VAL A 160 -14.33 1.71 -22.74
N THR A 161 -14.24 1.40 -24.03
CA THR A 161 -13.49 2.23 -24.95
C THR A 161 -14.14 2.10 -26.30
N ASP A 162 -13.93 3.10 -27.14
CA ASP A 162 -14.36 3.08 -28.53
C ASP A 162 -13.21 2.69 -29.45
N LEU A 163 -12.00 2.57 -28.91
CA LEU A 163 -10.88 2.15 -29.74
C LEU A 163 -11.09 0.71 -30.17
N PRO A 164 -10.49 0.33 -31.29
CA PRO A 164 -10.44 -1.07 -31.73
C PRO A 164 -9.84 -2.02 -30.70
N VAL A 165 -10.56 -3.09 -30.40
CA VAL A 165 -10.14 -4.12 -29.47
C VAL A 165 -9.96 -5.39 -30.29
N TYR A 166 -8.87 -6.11 -30.09
CA TYR A 166 -8.61 -7.32 -30.88
C TYR A 166 -8.40 -8.50 -29.98
N SER A 167 -9.07 -9.60 -30.26
CA SER A 167 -8.82 -10.88 -29.58
C SER A 167 -7.44 -11.41 -29.95
N ILE A 168 -6.69 -11.94 -29.00
CA ILE A 168 -5.37 -12.47 -29.34
C ILE A 168 -5.44 -13.66 -30.34
N ASP A 169 -6.44 -14.51 -30.24
CA ASP A 169 -6.61 -15.63 -31.16
C ASP A 169 -6.89 -15.15 -32.56
N SER A 170 -7.90 -14.31 -32.70
CA SER A 170 -8.25 -13.89 -34.01
C SER A 170 -7.00 -13.28 -34.65
N LEU A 171 -6.39 -12.29 -33.98
CA LEU A 171 -5.27 -11.62 -34.64
C LEU A 171 -4.05 -12.50 -34.80
N TRP A 172 -3.91 -13.53 -33.98
CA TRP A 172 -2.79 -14.45 -34.14
C TRP A 172 -2.84 -15.17 -35.49
N ALA A 173 -4.03 -15.41 -36.05
CA ALA A 173 -4.09 -16.03 -37.38
C ALA A 173 -3.28 -15.23 -38.39
N ASP A 174 -3.48 -13.91 -38.37
CA ASP A 174 -2.72 -13.01 -39.24
C ASP A 174 -1.25 -13.02 -38.94
N VAL A 175 -0.89 -13.03 -37.66
CA VAL A 175 0.53 -13.00 -37.29
C VAL A 175 1.20 -14.25 -37.84
N GLU A 176 0.51 -15.36 -37.81
CA GLU A 176 1.09 -16.60 -38.36
C GLU A 176 1.28 -16.52 -39.88
N ARG A 177 0.30 -15.96 -40.59
CA ARG A 177 0.45 -15.77 -42.02
C ARG A 177 1.64 -14.89 -42.28
N LEU A 178 1.74 -13.83 -41.49
CA LEU A 178 2.83 -12.88 -41.63
C LEU A 178 4.13 -13.54 -41.32
N ARG A 179 4.11 -14.42 -40.32
CA ARG A 179 5.32 -15.16 -39.97
C ARG A 179 5.80 -16.02 -41.14
N ASP A 180 4.86 -16.70 -41.77
CA ASP A 180 5.13 -17.63 -42.83
C ASP A 180 5.72 -16.92 -44.04
N ALA A 181 5.19 -15.73 -44.32
CA ALA A 181 5.75 -14.83 -45.33
C ALA A 181 7.09 -14.17 -44.96
N GLY A 182 7.63 -14.43 -43.78
CA GLY A 182 8.86 -13.72 -43.31
C GLY A 182 8.71 -12.22 -43.12
N ALA A 183 7.50 -11.73 -42.80
CA ALA A 183 7.30 -10.28 -42.64
C ALA A 183 7.94 -9.71 -41.36
N GLY A 184 8.40 -8.47 -41.45
CA GLY A 184 8.66 -7.66 -40.29
C GLY A 184 10.11 -7.67 -39.86
N ALA A 185 11.00 -8.29 -40.66
CA ALA A 185 12.42 -8.41 -40.29
C ALA A 185 13.15 -7.09 -40.33
N GLU A 186 12.65 -6.21 -41.18
CA GLU A 186 13.05 -4.81 -41.27
C GLU A 186 13.20 -4.18 -39.86
N ALA A 187 14.32 -3.50 -39.62
CA ALA A 187 14.46 -2.61 -38.46
C ALA A 187 13.83 -1.29 -38.80
N VAL A 188 13.66 -0.46 -37.78
CA VAL A 188 13.11 0.86 -37.94
C VAL A 188 13.82 1.65 -36.89
N GLU A 189 13.86 2.98 -37.05
CA GLU A 189 14.48 3.89 -36.10
C GLU A 189 13.77 3.85 -34.75
N VAL A 190 14.48 3.46 -33.70
CA VAL A 190 14.00 3.58 -32.32
C VAL A 190 15.13 4.13 -31.48
N SER A 191 14.85 5.15 -30.69
CA SER A 191 15.91 5.77 -29.89
C SER A 191 15.95 5.09 -28.53
N PRO A 192 17.14 4.97 -27.93
CA PRO A 192 17.23 4.47 -26.57
C PRO A 192 16.41 5.28 -25.59
N GLU A 193 16.10 6.53 -25.95
CA GLU A 193 15.29 7.39 -25.09
C GLU A 193 13.83 7.22 -25.31
N ASP A 194 13.43 6.49 -26.34
CA ASP A 194 12.00 6.24 -26.58
C ASP A 194 11.40 5.40 -25.49
N LEU A 195 10.17 5.75 -25.14
CA LEU A 195 9.36 4.96 -24.25
C LEU A 195 9.12 3.57 -24.79
N ALA A 196 9.29 2.57 -23.94
CA ALA A 196 9.03 1.18 -24.30
C ALA A 196 7.84 0.61 -23.52
N VAL A 197 7.71 0.97 -22.24
CA VAL A 197 6.64 0.45 -21.41
C VAL A 197 6.03 1.51 -20.53
N LEU A 198 4.70 1.44 -20.33
CA LEU A 198 4.02 2.16 -19.26
C LEU A 198 3.57 1.17 -18.24
N ILE A 199 3.97 1.38 -17.02
CA ILE A 199 3.58 0.45 -15.96
C ILE A 199 2.64 1.16 -15.05
N TYR A 200 1.36 0.77 -15.06
CA TYR A 200 0.39 1.42 -14.19
C TYR A 200 0.55 0.92 -12.78
N THR A 201 0.85 1.80 -11.84
CA THR A 201 0.96 1.46 -10.40
C THR A 201 -0.32 1.83 -9.55
N SER A 202 -1.20 2.63 -10.10
CA SER A 202 -2.40 3.06 -9.36
C SER A 202 -3.49 1.98 -9.24
N GLY A 203 -4.05 1.86 -8.04
CA GLY A 203 -5.15 0.94 -7.80
C GLY A 203 -6.50 1.55 -8.23
N SER A 204 -7.51 0.71 -8.05
CA SER A 204 -8.92 1.02 -8.32
C SER A 204 -9.37 2.39 -7.84
N THR A 205 -8.96 2.71 -6.61
CA THR A 205 -9.36 3.87 -5.87
C THR A 205 -8.45 5.09 -6.05
N ALA A 206 -7.63 5.07 -7.08
CA ALA A 206 -6.64 6.13 -7.29
C ALA A 206 -6.78 6.70 -8.69
N ALA A 207 -6.36 7.96 -8.85
CA ALA A 207 -6.18 8.54 -10.15
C ALA A 207 -5.14 7.67 -10.93
N PRO A 208 -5.36 7.52 -12.25
CA PRO A 208 -4.47 6.69 -13.03
C PRO A 208 -3.03 7.25 -13.03
N LYS A 209 -2.04 6.36 -12.96
CA LYS A 209 -0.66 6.76 -12.74
C LYS A 209 0.25 5.65 -13.19
N ALA A 210 1.05 5.90 -14.22
CA ALA A 210 1.93 4.93 -14.78
C ALA A 210 3.33 5.48 -14.79
N VAL A 211 4.28 4.62 -14.47
CA VAL A 211 5.68 4.98 -14.70
C VAL A 211 6.03 4.79 -16.18
N ALA A 212 6.67 5.80 -16.75
CA ALA A 212 7.06 5.80 -18.13
C ALA A 212 8.46 5.34 -18.23
N CYS A 213 8.64 4.24 -18.96
CA CYS A 213 9.91 3.57 -18.96
C CYS A 213 10.52 3.56 -20.31
N PRO A 214 11.63 4.28 -20.46
CA PRO A 214 12.31 4.25 -21.73
C PRO A 214 13.13 3.00 -21.92
N HIS A 215 13.45 2.69 -23.15
CA HIS A 215 14.35 1.56 -23.49
C HIS A 215 15.61 1.46 -22.68
N GLN A 216 16.37 2.54 -22.60
CA GLN A 216 17.71 2.38 -22.00
C GLN A 216 17.67 2.04 -20.53
N GLN A 217 16.79 2.71 -19.79
CA GLN A 217 16.67 2.46 -18.36
C GLN A 217 16.34 0.97 -18.14
N ILE A 218 15.47 0.44 -18.98
CA ILE A 218 14.97 -0.92 -18.82
C ILE A 218 16.11 -1.87 -19.02
N VAL A 219 16.86 -1.70 -20.10
CA VAL A 219 17.96 -2.57 -20.40
C VAL A 219 18.99 -2.42 -19.33
N PHE A 220 19.25 -1.18 -18.91
CA PHE A 220 20.23 -0.97 -17.86
C PHE A 220 19.84 -1.69 -16.60
N ALA A 221 18.61 -1.45 -16.14
CA ALA A 221 18.19 -2.11 -14.93
C ALA A 221 18.26 -3.61 -15.05
N ALA A 222 17.89 -4.20 -16.20
CA ALA A 222 18.00 -5.67 -16.32
C ALA A 222 19.46 -6.13 -16.19
N SER A 223 20.38 -5.44 -16.87
CA SER A 223 21.84 -5.78 -16.80
C SER A 223 22.35 -5.60 -15.39
N SER A 224 21.84 -4.63 -14.68
CA SER A 224 22.36 -4.39 -13.31
C SER A 224 21.87 -5.40 -12.29
N ILE A 225 20.59 -5.69 -12.35
CA ILE A 225 20.04 -6.75 -11.49
C ILE A 225 20.81 -8.08 -11.75
N ASN A 226 21.01 -8.35 -13.01
CA ASN A 226 21.64 -9.61 -13.40
C ASN A 226 23.10 -9.66 -13.02
N ALA A 227 23.78 -8.51 -12.99
CA ALA A 227 25.20 -8.50 -12.50
C ALA A 227 25.24 -8.98 -11.06
N VAL A 228 24.18 -8.72 -10.28
CA VAL A 228 24.14 -9.21 -8.89
C VAL A 228 23.63 -10.67 -8.78
N LEU A 229 22.58 -11.02 -9.52
CA LEU A 229 21.93 -12.29 -9.36
C LEU A 229 22.53 -13.41 -10.20
N GLY A 230 23.06 -13.08 -11.36
CA GLY A 230 23.87 -14.05 -12.15
C GLY A 230 23.05 -15.10 -12.82
N TYR A 231 21.93 -14.74 -13.44
CA TYR A 231 21.24 -15.72 -14.30
C TYR A 231 22.20 -16.06 -15.43
N HIS A 232 22.12 -17.28 -15.94
CA HIS A 232 22.95 -17.68 -17.08
C HIS A 232 22.16 -18.60 -18.02
N ALA A 233 22.77 -18.92 -19.15
CA ALA A 233 22.07 -19.55 -20.26
C ALA A 233 21.49 -20.91 -19.94
N GLU A 234 22.09 -21.64 -19.02
CA GLU A 234 21.55 -22.89 -18.61
C GLU A 234 20.48 -22.79 -17.49
N ASP A 235 20.10 -21.59 -17.01
CA ASP A 235 19.04 -21.51 -16.00
C ASP A 235 17.69 -21.73 -16.62
N ILE A 236 16.77 -22.21 -15.82
CA ILE A 236 15.43 -22.37 -16.24
C ILE A 236 14.65 -21.61 -15.18
N VAL A 237 13.92 -20.56 -15.58
CA VAL A 237 13.27 -19.63 -14.68
C VAL A 237 11.78 -19.95 -14.60
N PHE A 238 11.33 -20.32 -13.41
CA PHE A 238 9.94 -20.65 -13.19
C PHE A 238 9.20 -19.42 -12.68
N CYS A 239 8.37 -18.86 -13.54
CA CYS A 239 7.75 -17.60 -13.28
C CYS A 239 6.24 -17.76 -13.22
N ARG A 240 5.77 -17.61 -12.00
CA ARG A 240 4.36 -17.71 -11.67
C ARG A 240 3.78 -16.30 -11.63
N MET A 241 4.66 -15.32 -11.66
CA MET A 241 4.27 -13.92 -11.67
C MET A 241 3.85 -13.49 -13.04
N SER A 242 2.92 -12.55 -13.07
CA SER A 242 2.42 -12.01 -14.30
C SER A 242 3.45 -11.17 -15.01
N VAL A 243 3.58 -11.43 -16.31
CA VAL A 243 4.51 -10.64 -17.13
C VAL A 243 3.97 -9.25 -17.46
N SER A 244 2.80 -8.91 -16.91
CA SER A 244 2.20 -7.56 -16.90
C SER A 244 2.55 -6.74 -15.67
N TRP A 245 3.17 -7.38 -14.68
CA TRP A 245 3.73 -6.75 -13.52
C TRP A 245 5.25 -6.66 -13.85
N ASP A 246 5.87 -5.57 -13.50
CA ASP A 246 7.27 -5.41 -13.85
C ASP A 246 8.16 -6.55 -13.27
N PHE A 247 7.68 -7.25 -12.26
CA PHE A 247 8.43 -8.35 -11.68
C PHE A 247 8.59 -9.43 -12.75
N GLY A 248 7.49 -9.92 -13.29
CA GLY A 248 7.55 -10.91 -14.36
C GLY A 248 8.14 -10.39 -15.66
N LEU A 249 7.86 -9.14 -15.99
CA LEU A 249 8.41 -8.56 -17.20
C LEU A 249 9.94 -8.67 -17.29
N TYR A 250 10.59 -8.40 -16.16
CA TYR A 250 12.04 -8.39 -16.10
C TYR A 250 12.59 -9.77 -16.04
N LYS A 251 11.75 -10.72 -15.71
CA LYS A 251 12.18 -12.09 -15.84
C LYS A 251 12.17 -12.47 -17.31
N VAL A 252 11.26 -11.89 -18.10
CA VAL A 252 11.32 -12.03 -19.60
C VAL A 252 12.61 -11.38 -20.12
N LEU A 253 12.92 -10.18 -19.62
CA LEU A 253 14.12 -9.47 -20.11
C LEU A 253 15.41 -10.13 -19.71
N ILE A 254 15.50 -10.51 -18.45
CA ILE A 254 16.73 -11.10 -17.98
C ILE A 254 16.95 -12.49 -18.59
N SER A 255 15.91 -13.30 -18.73
CA SER A 255 16.07 -14.57 -19.44
C SER A 255 16.57 -14.29 -20.80
N THR A 256 15.99 -13.30 -21.45
CA THR A 256 16.37 -13.00 -22.83
C THR A 256 17.81 -12.46 -22.90
N LEU A 257 18.20 -11.63 -21.94
CA LEU A 257 19.58 -11.07 -21.88
C LEU A 257 20.60 -12.18 -21.82
N THR A 258 20.32 -13.24 -21.05
CA THR A 258 21.31 -14.22 -20.78
C THR A 258 21.11 -15.52 -21.58
N GLY A 259 20.02 -15.70 -22.30
CA GLY A 259 19.81 -16.97 -23.06
C GLY A 259 19.11 -18.04 -22.26
N ALA A 260 18.65 -17.72 -21.07
CA ALA A 260 17.98 -18.71 -20.25
C ALA A 260 16.63 -19.06 -20.83
N LYS A 261 15.98 -20.03 -20.19
CA LYS A 261 14.69 -20.46 -20.53
C LYS A 261 13.68 -19.97 -19.48
N LEU A 262 12.61 -19.33 -19.95
CA LEU A 262 11.59 -18.86 -19.07
C LEU A 262 10.39 -19.78 -19.16
N VAL A 263 9.92 -20.23 -18.02
CA VAL A 263 8.73 -21.07 -17.92
C VAL A 263 7.63 -20.22 -17.35
N LEU A 264 6.67 -19.95 -18.19
CA LEU A 264 5.57 -19.08 -17.80
C LEU A 264 4.49 -19.97 -17.17
N ALA A 265 4.35 -19.95 -15.87
CA ALA A 265 3.22 -20.71 -15.26
C ALA A 265 2.11 -19.75 -14.82
N ILE A 271 -1.15 -25.87 -6.69
CA ILE A 271 -1.17 -27.07 -5.85
C ILE A 271 -0.16 -28.16 -6.25
N ALA A 272 -0.02 -28.45 -7.56
CA ALA A 272 1.03 -29.36 -8.07
C ALA A 272 2.35 -28.62 -8.31
N LEU A 273 2.45 -27.45 -7.69
CA LEU A 273 3.61 -26.64 -7.76
C LEU A 273 4.94 -27.37 -7.66
N VAL A 274 5.10 -28.26 -6.66
CA VAL A 274 6.41 -28.89 -6.42
C VAL A 274 6.84 -29.82 -7.57
N LYS A 275 5.88 -30.55 -8.08
CA LYS A 275 6.07 -31.39 -9.23
C LYS A 275 6.45 -30.58 -10.46
N SER A 276 5.64 -29.57 -10.78
CA SER A 276 5.97 -28.67 -11.88
C SER A 276 7.43 -28.18 -11.79
N LEU A 277 7.85 -27.77 -10.61
CA LEU A 277 9.19 -27.25 -10.46
C LEU A 277 10.22 -28.28 -10.81
N ARG A 278 10.08 -29.45 -10.22
CA ARG A 278 11.02 -30.55 -10.42
C ARG A 278 11.05 -31.00 -11.88
N GLU A 279 9.86 -31.23 -12.42
CA GLU A 279 9.76 -31.72 -13.78
C GLU A 279 10.21 -30.69 -14.82
N SER A 280 10.15 -29.40 -14.51
CA SER A 280 10.64 -28.37 -15.45
C SER A 280 12.15 -28.23 -15.31
N GLY A 281 12.74 -28.79 -14.28
CA GLY A 281 14.18 -28.61 -14.13
C GLY A 281 14.44 -27.19 -13.58
N ALA A 282 13.43 -26.54 -13.03
CA ALA A 282 13.54 -25.12 -12.59
C ALA A 282 14.81 -24.89 -11.75
N THR A 283 15.57 -23.86 -12.08
CA THR A 283 16.69 -23.45 -11.27
C THR A 283 16.50 -22.15 -10.54
N MET A 284 15.75 -21.21 -11.10
CA MET A 284 15.54 -19.90 -10.48
C MET A 284 14.06 -19.66 -10.35
N MET A 285 13.61 -19.12 -9.22
CA MET A 285 12.19 -18.92 -8.97
C MET A 285 11.97 -17.62 -8.28
N PRO A 286 11.41 -16.67 -9.00
CA PRO A 286 11.07 -15.45 -8.24
C PRO A 286 9.87 -15.75 -7.36
N ILE A 287 9.84 -15.19 -6.16
CA ILE A 287 8.74 -15.43 -5.25
C ILE A 287 8.27 -14.15 -4.55
N VAL A 288 7.16 -14.31 -3.84
CA VAL A 288 6.55 -13.34 -2.96
C VAL A 288 6.20 -14.12 -1.68
N PRO A 289 6.12 -13.43 -0.49
CA PRO A 289 5.88 -14.21 0.74
C PRO A 289 4.78 -15.27 0.62
N SER A 290 3.66 -14.89 0.00
CA SER A 290 2.51 -15.76 -0.08
C SER A 290 2.87 -17.01 -0.88
N LEU A 291 3.47 -16.85 -2.04
CA LEU A 291 3.97 -18.00 -2.81
C LEU A 291 5.04 -18.86 -2.08
N ALA A 292 5.94 -18.22 -1.35
CA ALA A 292 6.96 -18.98 -0.59
C ALA A 292 6.35 -19.91 0.51
N SER A 293 5.41 -19.39 1.32
CA SER A 293 4.72 -20.18 2.36
C SER A 293 3.97 -21.35 1.76
N MET A 294 3.26 -21.10 0.70
CA MET A 294 2.57 -22.18 -0.02
C MET A 294 3.58 -23.26 -0.45
N LEU A 295 4.72 -22.84 -1.00
CA LEU A 295 5.76 -23.79 -1.40
C LEU A 295 6.34 -24.62 -0.22
N THR A 296 6.55 -24.01 0.92
CA THR A 296 7.09 -24.74 2.08
C THR A 296 6.04 -25.72 2.66
N THR A 297 4.79 -25.28 2.71
CA THR A 297 3.62 -26.11 3.05
C THR A 297 3.49 -27.33 2.09
N LEU A 298 3.59 -27.09 0.77
CA LEU A 298 3.49 -28.17 -0.23
C LEU A 298 4.64 -29.18 -0.20
N ILE A 299 5.81 -28.74 0.20
CA ILE A 299 7.01 -29.58 0.09
C ILE A 299 7.01 -30.72 1.09
N ARG A 300 6.40 -30.49 2.25
CA ARG A 300 6.14 -31.52 3.25
C ARG A 300 5.35 -32.68 2.67
N ARG A 301 4.45 -32.40 1.74
CA ARG A 301 3.69 -33.45 1.06
C ARG A 301 4.49 -34.15 -0.06
N ASP A 302 5.73 -33.71 -0.35
CA ASP A 302 6.47 -34.28 -1.47
C ASP A 302 7.99 -34.42 -1.20
N PRO A 303 8.42 -35.62 -0.73
CA PRO A 303 9.82 -35.87 -0.34
C PRO A 303 10.83 -36.01 -1.53
N GLU A 304 10.36 -35.94 -2.77
CA GLU A 304 11.23 -35.94 -3.95
C GLU A 304 11.83 -34.58 -4.22
N GLY A 305 11.21 -33.53 -3.63
CA GLY A 305 11.72 -32.16 -3.64
C GLY A 305 11.78 -31.49 -5.01
N ALA A 306 12.72 -30.55 -5.14
CA ALA A 306 13.04 -30.00 -6.43
C ALA A 306 14.51 -29.60 -6.35
N PRO A 307 15.38 -30.59 -6.37
CA PRO A 307 16.83 -30.33 -6.18
C PRO A 307 17.50 -29.40 -7.21
N THR A 308 16.90 -29.18 -8.38
CA THR A 308 17.51 -28.25 -9.34
C THR A 308 17.45 -26.77 -8.95
N LEU A 309 16.53 -26.40 -8.05
CA LEU A 309 16.37 -25.03 -7.58
C LEU A 309 17.63 -24.50 -6.84
N ARG A 310 18.19 -23.42 -7.37
CA ARG A 310 19.36 -22.77 -6.82
C ARG A 310 19.16 -21.36 -6.27
N MET A 311 18.06 -20.70 -6.62
CA MET A 311 17.81 -19.35 -6.08
C MET A 311 16.35 -19.00 -6.07
N PHE A 312 15.92 -18.41 -4.96
CA PHE A 312 14.68 -17.73 -4.81
C PHE A 312 14.95 -16.25 -4.67
N THR A 313 14.21 -15.43 -5.42
CA THR A 313 14.38 -14.01 -5.34
C THR A 313 13.04 -13.37 -4.91
N ASN A 314 13.12 -12.55 -3.89
CA ASN A 314 11.96 -11.99 -3.29
C ASN A 314 12.04 -10.49 -3.45
N SER A 315 11.04 -9.95 -4.15
CA SER A 315 10.79 -8.53 -4.14
C SER A 315 9.45 -8.41 -3.38
N ALA A 316 8.64 -7.41 -3.70
CA ALA A 316 7.32 -7.31 -3.11
C ALA A 316 7.31 -6.95 -1.61
N ALA A 317 7.85 -7.79 -0.72
CA ALA A 317 7.71 -7.59 0.75
C ALA A 317 8.55 -8.52 1.61
N ALA A 318 8.83 -8.10 2.81
CA ALA A 318 9.65 -8.82 3.74
C ALA A 318 9.29 -10.29 3.84
N LEU A 319 10.30 -11.12 3.73
CA LEU A 319 10.16 -12.54 3.84
C LEU A 319 10.54 -12.86 5.28
N PRO A 320 9.64 -13.49 6.05
CA PRO A 320 9.88 -13.73 7.48
C PRO A 320 10.85 -14.84 7.73
N GLN A 321 11.50 -14.81 8.90
CA GLN A 321 12.60 -15.73 9.13
C GLN A 321 12.14 -17.17 8.93
N VAL A 322 10.94 -17.46 9.40
CA VAL A 322 10.45 -18.83 9.41
C VAL A 322 10.29 -19.40 8.01
N THR A 323 9.84 -18.56 7.08
CA THR A 323 9.71 -18.99 5.69
C THR A 323 11.12 -19.21 5.12
N ILE A 324 12.03 -18.30 5.44
CA ILE A 324 13.39 -18.41 4.96
C ILE A 324 13.97 -19.75 5.35
N ASP A 325 13.81 -20.10 6.62
CA ASP A 325 14.37 -21.30 7.18
C ASP A 325 13.76 -22.51 6.50
N ALA A 326 12.45 -22.45 6.27
CA ALA A 326 11.73 -23.58 5.72
C ALA A 326 12.18 -23.84 4.29
N LEU A 327 12.48 -22.76 3.55
CA LEU A 327 12.89 -22.89 2.19
C LEU A 327 14.26 -23.52 2.15
N ARG A 328 15.13 -23.08 3.06
CA ARG A 328 16.50 -23.57 3.07
C ARG A 328 16.55 -25.04 3.44
N SER A 329 15.65 -25.43 4.35
CA SER A 329 15.53 -26.79 4.77
C SER A 329 15.03 -27.71 3.63
N ALA A 330 14.06 -27.22 2.86
CA ALA A 330 13.49 -27.96 1.75
C ALA A 330 14.39 -27.96 0.52
N PHE A 331 15.10 -26.86 0.30
CA PHE A 331 16.03 -26.70 -0.84
C PHE A 331 17.39 -26.17 -0.37
N PRO A 332 18.23 -27.05 0.21
CA PRO A 332 19.47 -26.55 0.84
C PRO A 332 20.48 -26.05 -0.17
N GLY A 333 20.27 -26.35 -1.44
CA GLY A 333 21.10 -25.80 -2.52
C GLY A 333 20.69 -24.45 -3.02
N ALA A 334 19.68 -23.82 -2.41
CA ALA A 334 19.10 -22.68 -2.99
C ALA A 334 19.38 -21.51 -2.09
N GLN A 335 19.71 -20.37 -2.70
CA GLN A 335 19.97 -19.10 -1.99
C GLN A 335 18.72 -18.28 -1.95
N VAL A 336 18.47 -17.57 -0.86
CA VAL A 336 17.24 -16.82 -0.66
C VAL A 336 17.59 -15.36 -0.57
N VAL A 337 17.26 -14.64 -1.63
CA VAL A 337 17.86 -13.37 -1.94
C VAL A 337 16.90 -12.22 -1.68
N ARG A 338 17.29 -11.28 -0.82
CA ARG A 338 16.44 -10.17 -0.52
C ARG A 338 16.69 -9.04 -1.46
N MET A 339 15.62 -8.32 -1.81
CA MET A 339 15.68 -7.21 -2.74
C MET A 339 14.69 -6.14 -2.29
N TYR A 340 14.93 -4.91 -2.69
CA TYR A 340 13.99 -3.83 -2.44
C TYR A 340 13.98 -2.94 -3.64
N GLY A 341 12.81 -2.46 -3.99
CA GLY A 341 12.68 -1.56 -5.10
C GLY A 341 11.34 -0.87 -5.17
N GLN A 342 11.20 0.01 -6.15
CA GLN A 342 9.93 0.64 -6.52
C GLN A 342 9.87 0.60 -8.01
N THR A 343 8.67 0.69 -8.55
CA THR A 343 8.45 0.79 -9.97
C THR A 343 9.13 1.98 -10.64
N GLU A 344 9.24 3.09 -9.89
CA GLU A 344 9.85 4.33 -10.37
C GLU A 344 11.30 4.20 -10.82
N CYS A 345 11.98 3.15 -10.38
CA CYS A 345 13.33 2.85 -10.94
C CYS A 345 13.64 1.35 -11.08
N LYS A 346 12.58 0.55 -11.18
CA LYS A 346 12.60 -0.92 -11.16
C LYS A 346 13.04 -1.50 -9.87
N ARG A 347 14.29 -1.22 -9.44
CA ARG A 347 14.82 -1.83 -8.26
C ARG A 347 15.89 -0.96 -7.63
N ILE A 348 16.01 -1.07 -6.33
CA ILE A 348 16.90 -0.18 -5.60
C ILE A 348 18.11 -0.88 -5.02
N SER A 349 17.87 -2.00 -4.36
CA SER A 349 18.92 -2.69 -3.68
C SER A 349 18.71 -4.16 -3.80
N ILE A 350 19.82 -4.89 -3.79
CA ILE A 350 19.83 -6.34 -3.76
C ILE A 350 20.91 -6.82 -2.80
N MET A 351 20.59 -7.78 -1.95
CA MET A 351 21.54 -8.39 -1.10
C MET A 351 22.24 -9.42 -1.93
N PRO A 352 23.56 -9.32 -2.00
CA PRO A 352 24.23 -10.33 -2.82
C PRO A 352 24.01 -11.75 -2.30
N PRO A 353 23.77 -12.74 -3.22
CA PRO A 353 23.49 -14.12 -2.85
C PRO A 353 24.46 -14.71 -1.87
N HIS A 354 25.75 -14.49 -2.10
CA HIS A 354 26.76 -15.01 -1.20
C HIS A 354 26.59 -14.42 0.21
N LEU A 355 25.88 -13.31 0.39
CA LEU A 355 25.71 -12.70 1.73
C LEU A 355 24.32 -12.94 2.34
N GLU A 356 23.60 -13.95 1.84
CA GLU A 356 22.21 -14.22 2.18
C GLU A 356 21.98 -14.43 3.70
N HIS A 357 22.99 -14.94 4.42
CA HIS A 357 22.97 -15.17 5.86
C HIS A 357 23.34 -13.95 6.74
N GLU A 358 23.62 -12.83 6.12
CA GLU A 358 24.28 -11.74 6.86
C GLU A 358 23.43 -10.53 6.86
N ARG A 359 23.59 -9.73 7.91
CA ARG A 359 22.86 -8.49 8.09
C ARG A 359 21.38 -8.71 7.87
N PRO A 360 20.77 -9.61 8.67
CA PRO A 360 19.32 -9.88 8.56
C PRO A 360 18.39 -8.69 8.31
N ASP A 361 18.67 -7.52 8.84
CA ASP A 361 17.73 -6.38 8.66
C ASP A 361 17.89 -5.56 7.40
N SER A 362 18.91 -5.89 6.62
CA SER A 362 19.22 -5.12 5.43
C SER A 362 18.43 -5.65 4.25
N VAL A 363 18.15 -4.76 3.31
CA VAL A 363 17.65 -5.10 1.99
C VAL A 363 18.75 -4.99 0.89
N GLY A 364 19.99 -5.04 1.32
CA GLY A 364 21.12 -5.16 0.39
C GLY A 364 21.81 -3.90 -0.02
N LEU A 365 22.55 -4.03 -1.11
CA LEU A 365 23.41 -2.94 -1.60
C LEU A 365 22.76 -2.35 -2.81
N PRO A 366 23.03 -1.07 -3.13
CA PRO A 366 22.54 -0.48 -4.36
C PRO A 366 22.83 -1.34 -5.55
N LEU A 367 22.02 -1.21 -6.58
CA LEU A 367 22.26 -1.91 -7.83
C LEU A 367 23.58 -1.41 -8.37
N PRO A 368 24.36 -2.31 -8.97
CA PRO A 368 25.62 -1.81 -9.52
C PRO A 368 25.37 -0.65 -10.49
N GLY A 369 26.19 0.41 -10.38
CA GLY A 369 26.07 1.55 -11.25
C GLY A 369 25.06 2.58 -10.79
N THR A 370 24.53 2.46 -9.58
CA THR A 370 23.47 3.39 -9.12
C THR A 370 23.94 3.91 -7.78
N THR A 371 23.29 4.94 -7.25
CA THR A 371 23.66 5.49 -5.94
C THR A 371 22.44 5.63 -5.07
N ILE A 372 22.53 5.18 -3.81
CA ILE A 372 21.51 5.43 -2.84
C ILE A 372 22.04 6.52 -1.90
N GLU A 373 21.30 7.61 -1.70
CA GLU A 373 21.67 8.57 -0.64
C GLU A 373 20.52 8.80 0.28
N ILE A 374 20.85 8.98 1.55
CA ILE A 374 19.87 9.26 2.57
C ILE A 374 19.86 10.78 2.82
N LEU A 375 18.74 11.46 2.58
CA LEU A 375 18.64 12.93 2.74
C LEU A 375 17.85 13.38 3.98
N ASP A 376 18.25 14.51 4.61
CA ASP A 376 17.49 15.12 5.73
C ASP A 376 16.29 15.87 5.20
N GLU A 377 15.54 16.50 6.11
CA GLU A 377 14.38 17.31 5.75
C GLU A 377 14.69 18.39 4.70
N ASP A 378 15.89 18.94 4.77
CA ASP A 378 16.32 20.01 3.89
C ASP A 378 17.02 19.53 2.64
N GLY A 379 17.12 18.21 2.50
CA GLY A 379 17.71 17.60 1.31
C GLY A 379 19.21 17.50 1.36
N THR A 380 19.77 17.32 2.55
CA THR A 380 21.22 17.32 2.70
C THR A 380 21.68 15.94 3.09
N LEU A 381 22.82 15.53 2.52
CA LEU A 381 23.32 14.20 2.69
C LEU A 381 23.48 13.92 4.17
N LEU A 382 22.98 12.77 4.62
CA LEU A 382 23.18 12.34 6.01
C LEU A 382 24.38 11.41 6.03
N PRO A 383 24.99 11.24 7.21
CA PRO A 383 26.07 10.27 7.35
C PRO A 383 25.51 8.91 7.75
N PRO A 384 26.37 7.87 7.71
CA PRO A 384 25.93 6.51 8.00
C PRO A 384 25.29 6.44 9.36
N GLY A 385 24.32 5.55 9.50
CA GLY A 385 23.61 5.36 10.77
C GLY A 385 22.42 6.28 10.94
N GLU A 386 22.41 7.39 10.20
CA GLU A 386 21.37 8.42 10.42
C GLU A 386 20.16 8.16 9.52
N PRO A 387 18.94 8.22 10.09
CA PRO A 387 17.70 7.99 9.33
C PRO A 387 17.33 9.17 8.44
N GLY A 388 16.73 8.88 7.29
CA GLY A 388 16.30 9.93 6.35
C GLY A 388 15.56 9.35 5.18
N GLU A 389 15.21 10.19 4.22
CA GLU A 389 14.54 9.72 3.04
C GLU A 389 15.51 8.98 2.12
N ILE A 390 15.12 7.76 1.79
CA ILE A 390 15.87 6.96 0.81
C ILE A 390 15.71 7.62 -0.54
N THR A 391 16.83 8.01 -1.12
CA THR A 391 16.78 8.60 -2.45
C THR A 391 17.74 7.82 -3.33
N VAL A 392 17.53 7.93 -4.64
CA VAL A 392 18.20 7.11 -5.63
C VAL A 392 18.58 7.91 -6.86
N THR A 393 19.75 7.64 -7.37
CA THR A 393 20.21 8.26 -8.59
C THR A 393 20.83 7.21 -9.54
N GLY A 394 20.60 7.31 -10.83
CA GLY A 394 21.29 6.44 -11.74
C GLY A 394 20.53 6.12 -13.00
N PRO A 395 21.12 5.27 -13.82
CA PRO A 395 20.62 5.04 -15.17
C PRO A 395 19.41 4.13 -15.23
N HIS A 396 18.85 3.81 -14.08
CA HIS A 396 17.62 3.00 -13.93
C HIS A 396 16.44 3.89 -13.54
N VAL A 397 16.74 5.12 -13.06
CA VAL A 397 15.67 6.04 -12.67
C VAL A 397 14.87 6.32 -13.91
N MET A 398 13.58 6.00 -13.89
CA MET A 398 12.73 6.02 -15.07
C MET A 398 12.36 7.47 -15.39
N ALA A 399 11.61 7.67 -16.45
CA ALA A 399 11.37 9.00 -16.97
C ALA A 399 10.26 9.82 -16.27
N GLY A 400 9.67 9.40 -15.16
CA GLY A 400 8.55 10.09 -14.57
C GLY A 400 7.27 9.27 -14.78
N TYR A 401 6.12 9.89 -14.47
CA TYR A 401 4.83 9.31 -14.66
C TYR A 401 4.26 9.79 -15.99
N TRP A 402 3.51 8.94 -16.67
CA TRP A 402 3.00 9.28 -17.98
C TRP A 402 2.00 10.48 -17.89
N ARG A 403 2.32 11.57 -18.61
CA ARG A 403 1.47 12.77 -18.73
C ARG A 403 0.97 13.33 -17.40
N ALA A 404 1.85 13.37 -16.42
CA ALA A 404 1.49 13.89 -15.10
C ALA A 404 2.69 14.65 -14.55
N PRO A 405 3.02 15.80 -15.15
CA PRO A 405 4.25 16.55 -14.76
C PRO A 405 4.29 16.95 -13.27
N GLU A 406 3.14 17.31 -12.74
CA GLU A 406 3.05 17.80 -11.36
C GLU A 406 3.46 16.71 -10.38
N ILE A 407 2.77 15.57 -10.48
CA ILE A 407 3.04 14.41 -9.62
C ILE A 407 4.50 13.91 -9.78
N THR A 408 5.02 14.04 -10.99
CA THR A 408 6.36 13.59 -11.36
C THR A 408 7.37 14.50 -10.69
N ALA A 409 7.11 15.81 -10.74
CA ALA A 409 8.02 16.78 -10.14
C ALA A 409 8.27 16.55 -8.65
N ARG A 410 7.28 16.01 -7.94
CA ARG A 410 7.44 15.72 -6.52
C ARG A 410 8.17 14.40 -6.17
N ALA A 411 8.28 13.49 -7.12
CA ALA A 411 9.05 12.27 -6.92
C ALA A 411 10.40 12.36 -7.63
N TYR A 412 10.39 12.84 -8.87
CA TYR A 412 11.61 12.93 -9.65
C TYR A 412 12.13 14.40 -9.62
N ARG A 413 13.30 14.66 -8.98
CA ARG A 413 13.80 16.04 -8.72
C ARG A 413 15.28 16.36 -9.07
N ARG A 414 15.55 17.62 -9.46
CA ARG A 414 16.88 18.17 -9.75
C ARG A 414 17.44 17.65 -11.08
N ALA A 420 13.35 13.84 -13.29
CA ALA A 420 14.65 14.41 -13.01
C ALA A 420 15.55 13.33 -12.45
N MET A 421 16.78 13.73 -12.19
CA MET A 421 17.85 12.81 -11.91
C MET A 421 17.86 12.24 -10.49
N ARG A 422 17.05 12.71 -9.53
CA ARG A 422 17.04 12.09 -8.20
C ARG A 422 15.67 11.64 -7.81
N LEU A 423 15.52 10.33 -7.59
CA LEU A 423 14.23 9.80 -7.18
C LEU A 423 14.12 9.83 -5.69
N HIS A 424 13.05 10.45 -5.21
CA HIS A 424 12.72 10.49 -3.78
C HIS A 424 11.64 9.47 -3.54
N THR A 425 11.96 8.44 -2.77
CA THR A 425 11.08 7.27 -2.69
C THR A 425 9.91 7.41 -1.71
N GLY A 426 10.02 8.31 -0.75
CA GLY A 426 9.04 8.39 0.32
C GLY A 426 9.23 7.28 1.30
N ASP A 427 10.29 6.49 1.18
CA ASP A 427 10.60 5.52 2.21
C ASP A 427 11.71 6.10 3.07
N TYR A 428 11.79 5.67 4.31
CA TYR A 428 12.82 6.16 5.20
C TYR A 428 13.72 5.01 5.66
N GLY A 429 14.99 5.31 5.85
CA GLY A 429 15.93 4.29 6.35
C GLY A 429 17.35 4.85 6.42
N HIS A 430 18.31 3.94 6.53
CA HIS A 430 19.68 4.36 6.74
C HIS A 430 20.66 3.39 6.07
N LEU A 431 21.89 3.87 5.87
CA LEU A 431 22.99 3.04 5.33
C LEU A 431 24.03 2.84 6.40
N ASP A 432 24.69 1.71 6.42
CA ASP A 432 25.85 1.54 7.32
C ASP A 432 27.06 2.01 6.58
N GLU A 433 28.22 1.88 7.21
CA GLU A 433 29.48 2.35 6.63
C GLU A 433 29.71 1.63 5.29
N ASP A 434 29.35 0.35 5.32
CA ASP A 434 29.59 -0.53 4.20
C ASP A 434 28.71 -0.15 2.97
N GLY A 435 27.62 0.61 3.20
CA GLY A 435 26.72 1.01 2.11
C GLY A 435 25.50 0.10 1.99
N PHE A 436 25.29 -0.75 2.98
CA PHE A 436 24.09 -1.57 3.00
C PHE A 436 22.86 -0.74 3.41
N LEU A 437 21.73 -1.11 2.86
CA LEU A 437 20.50 -0.37 3.13
C LEU A 437 19.64 -1.05 4.17
N TYR A 438 19.06 -0.21 5.03
CA TYR A 438 18.15 -0.65 6.10
C TYR A 438 16.93 0.26 6.14
N PHE A 439 15.82 -0.29 6.56
CA PHE A 439 14.62 0.53 6.89
C PHE A 439 14.61 1.17 8.27
N GLY A 440 13.85 2.28 8.37
CA GLY A 440 13.89 3.17 9.56
C GLY A 440 15.29 3.50 10.08
N GLY A 441 15.39 3.82 11.37
CA GLY A 441 16.66 3.85 12.13
C GLY A 441 16.92 2.57 12.91
N ASP B 40 1.00 -1.12 0.23
CA ASP B 40 0.80 -0.05 1.25
C ASP B 40 -0.06 -0.47 2.45
N LEU B 41 -0.89 -1.46 2.27
CA LEU B 41 -1.80 -1.85 3.33
C LEU B 41 -1.01 -2.57 4.39
N ARG B 42 -1.33 -2.34 5.66
CA ARG B 42 -0.66 -2.98 6.78
C ARG B 42 -1.48 -4.05 7.45
N TYR B 43 -0.90 -5.25 7.50
CA TYR B 43 -1.49 -6.42 8.12
C TYR B 43 -0.66 -6.84 9.32
N GLY B 44 -1.32 -7.43 10.31
CA GLY B 44 -0.66 -7.93 11.51
C GLY B 44 0.02 -6.87 12.35
N GLY B 45 -0.34 -5.60 12.18
CA GLY B 45 0.35 -4.51 12.83
C GLY B 45 -0.05 -4.23 14.29
N LEU B 46 0.87 -3.55 14.96
CA LEU B 46 0.70 -3.04 16.30
C LEU B 46 0.64 -1.52 16.27
N VAL B 47 -0.29 -0.92 17.02
CA VAL B 47 -0.51 0.50 16.95
C VAL B 47 0.71 1.41 17.25
N HIS B 48 1.42 1.05 18.30
CA HIS B 48 2.52 1.83 18.81
C HIS B 48 3.76 1.61 17.95
N ASP B 49 3.78 0.58 17.09
CA ASP B 49 4.85 0.53 16.11
C ASP B 49 4.78 1.68 15.11
N LEU B 50 3.60 2.20 14.81
CA LEU B 50 3.51 3.36 13.93
C LEU B 50 4.28 4.52 14.53
N LEU B 51 4.15 4.71 15.84
CA LEU B 51 4.86 5.79 16.53
C LEU B 51 6.36 5.50 16.62
N ALA B 52 6.73 4.29 16.99
CA ALA B 52 8.13 3.93 17.05
C ALA B 52 8.77 4.11 15.67
N ASP B 53 8.08 3.79 14.60
CA ASP B 53 8.68 4.01 13.27
C ASP B 53 8.91 5.47 12.96
N SER B 54 7.89 6.30 13.16
CA SER B 54 8.04 7.72 12.92
C SER B 54 8.98 8.41 13.89
N GLY B 55 9.01 7.97 15.14
CA GLY B 55 10.00 8.48 16.08
C GLY B 55 11.45 8.25 15.61
N LYS B 56 11.71 7.12 14.93
CA LYS B 56 13.08 6.83 14.44
C LYS B 56 13.34 7.45 13.09
N ALA B 57 12.32 7.47 12.25
CA ALA B 57 12.49 7.93 10.87
C ALA B 57 12.62 9.43 10.81
N THR B 58 11.77 10.14 11.55
CA THR B 58 11.76 11.62 11.55
C THR B 58 11.58 12.18 12.96
N PRO B 59 12.55 11.93 13.85
CA PRO B 59 12.37 12.33 15.25
C PRO B 59 12.09 13.82 15.42
N ASN B 60 12.65 14.63 14.54
CA ASN B 60 12.52 16.06 14.72
C ASN B 60 11.37 16.73 13.95
N SER B 61 10.58 16.03 13.14
CA SER B 61 9.39 16.71 12.55
C SER B 61 8.32 16.88 13.63
N ASP B 62 7.40 17.81 13.38
CA ASP B 62 6.38 18.15 14.33
C ASP B 62 5.25 17.13 14.19
N ALA B 63 4.77 16.62 15.33
CA ALA B 63 3.79 15.57 15.32
C ALA B 63 2.45 16.06 15.84
N MET B 64 2.46 16.82 16.93
CA MET B 64 1.22 17.22 17.61
C MET B 64 1.33 18.66 18.10
N GLU B 65 0.34 19.47 17.78
CA GLU B 65 0.18 20.77 18.40
C GLU B 65 -1.22 20.86 19.03
N ASP B 66 -1.28 21.45 20.22
CA ASP B 66 -2.55 21.77 20.87
C ASP B 66 -2.52 23.24 21.28
N ALA B 67 -3.49 23.69 22.05
CA ALA B 67 -3.52 25.09 22.49
C ALA B 67 -2.24 25.54 23.27
N PHE B 68 -1.55 24.60 23.89
CA PHE B 68 -0.50 24.89 24.83
C PHE B 68 0.93 24.69 24.31
N GLY B 69 1.15 23.90 23.26
CA GLY B 69 2.49 23.75 22.70
C GLY B 69 2.52 22.73 21.60
N THR B 70 3.73 22.34 21.18
CA THR B 70 3.92 21.42 20.07
C THR B 70 4.95 20.34 20.45
N TRP B 71 4.73 19.11 20.03
CA TRP B 71 5.71 18.03 20.20
C TRP B 71 6.18 17.56 18.86
N THR B 72 7.48 17.28 18.77
CA THR B 72 8.04 16.52 17.67
C THR B 72 7.74 15.03 17.88
N TYR B 73 8.01 14.22 16.87
CA TYR B 73 7.80 12.79 16.98
C TYR B 73 8.66 12.18 18.07
N GLN B 74 9.89 12.70 18.22
CA GLN B 74 10.72 12.29 19.32
C GLN B 74 10.06 12.57 20.63
N GLU B 75 9.57 13.79 20.82
CA GLU B 75 8.93 14.17 22.08
C GLU B 75 7.72 13.28 22.35
N LEU B 76 6.91 13.04 21.34
CA LEU B 76 5.74 12.21 21.51
C LEU B 76 6.10 10.79 21.93
N LEU B 77 7.16 10.27 21.36
CA LEU B 77 7.61 8.95 21.75
C LEU B 77 8.16 8.97 23.16
N ASN B 78 9.00 9.94 23.51
CA ASN B 78 9.51 10.06 24.85
C ASN B 78 8.37 10.03 25.91
N HIS B 79 7.38 10.90 25.76
CA HIS B 79 6.28 11.02 26.73
C HIS B 79 5.44 9.75 26.75
N SER B 80 5.27 9.10 25.59
CA SER B 80 4.53 7.85 25.49
C SER B 80 5.24 6.78 26.31
N GLN B 81 6.54 6.66 26.11
CA GLN B 81 7.33 5.74 26.96
C GLN B 81 7.21 6.04 28.43
N ALA B 82 7.33 7.30 28.78
CA ALA B 82 7.22 7.68 30.16
C ALA B 82 5.84 7.28 30.72
N PHE B 83 4.80 7.45 29.90
CA PHE B 83 3.46 7.10 30.37
C PHE B 83 3.35 5.58 30.54
N SER B 84 4.02 4.83 29.66
CA SER B 84 4.12 3.37 29.84
C SER B 84 4.76 2.98 31.21
N ALA B 85 5.84 3.66 31.58
CA ALA B 85 6.47 3.37 32.87
C ALA B 85 5.49 3.76 34.01
N TRP B 86 4.66 4.76 33.83
CA TRP B 86 3.70 5.10 34.86
C TRP B 86 2.73 3.97 35.01
N LEU B 87 2.24 3.42 33.89
CA LEU B 87 1.39 2.23 33.95
C LEU B 87 2.11 1.10 34.68
N ASP B 88 3.36 0.83 34.30
CA ASP B 88 4.13 -0.25 34.95
C ASP B 88 4.25 -0.02 36.46
N GLY B 89 4.49 1.24 36.82
CA GLY B 89 4.55 1.66 38.23
C GLY B 89 3.26 1.40 39.02
N LYS B 90 2.12 1.54 38.37
CA LYS B 90 0.85 1.33 39.00
C LYS B 90 0.42 -0.12 38.93
N GLY B 91 1.09 -0.95 38.17
CA GLY B 91 0.76 -2.38 38.05
C GLY B 91 -0.33 -2.72 37.05
N VAL B 92 -0.53 -1.85 36.07
CA VAL B 92 -1.60 -2.02 35.10
C VAL B 92 -1.02 -2.93 34.05
N ALA B 93 -1.69 -4.02 33.74
CA ALA B 93 -1.09 -5.11 33.03
C ALA B 93 -1.78 -5.35 31.69
N ARG B 94 -1.13 -6.15 30.88
CA ARG B 94 -1.59 -6.46 29.55
C ARG B 94 -3.05 -6.87 29.60
N GLY B 95 -3.88 -6.28 28.76
CA GLY B 95 -5.25 -6.74 28.64
C GLY B 95 -6.20 -5.95 29.53
N GLU B 96 -5.67 -5.21 30.50
CA GLU B 96 -6.48 -4.46 31.42
C GLU B 96 -6.86 -3.12 30.78
N ARG B 97 -7.99 -2.55 31.21
CA ARG B 97 -8.52 -1.30 30.65
C ARG B 97 -8.16 -0.07 31.51
N ILE B 98 -7.98 1.05 30.84
CA ILE B 98 -7.98 2.33 31.53
C ILE B 98 -8.98 3.19 30.84
N VAL B 99 -9.79 3.90 31.64
CA VAL B 99 -10.73 4.85 31.12
C VAL B 99 -10.11 6.23 31.20
N VAL B 100 -10.32 6.99 30.14
CA VAL B 100 -9.65 8.25 29.96
C VAL B 100 -10.64 9.24 29.44
N GLN B 101 -10.81 10.33 30.20
CA GLN B 101 -11.73 11.39 29.83
C GLN B 101 -11.01 12.69 29.77
N LEU B 102 -10.52 13.00 28.60
CA LEU B 102 -9.59 14.10 28.39
C LEU B 102 -9.92 14.82 27.14
N PRO B 103 -9.63 16.11 27.13
CA PRO B 103 -9.87 16.91 25.93
C PRO B 103 -8.76 16.64 24.92
N ASN B 104 -8.81 17.41 23.84
CA ASN B 104 -7.81 17.41 22.78
C ASN B 104 -6.49 18.01 23.17
N ILE B 105 -5.70 17.31 23.94
CA ILE B 105 -4.39 17.82 24.26
C ILE B 105 -3.35 16.77 23.97
N ARG B 106 -2.10 17.21 23.80
CA ARG B 106 -0.99 16.30 23.55
C ARG B 106 -0.95 15.08 24.50
N GLN B 107 -1.25 15.33 25.78
CA GLN B 107 -1.16 14.33 26.79
C GLN B 107 -2.00 13.13 26.46
N THR B 108 -3.16 13.36 25.89
CA THR B 108 -4.06 12.28 25.60
C THR B 108 -3.47 11.34 24.57
N VAL B 109 -2.71 11.87 23.64
CA VAL B 109 -2.14 11.04 22.58
C VAL B 109 -1.02 10.16 23.14
N ALA B 110 -0.34 10.72 24.12
CA ALA B 110 0.72 10.02 24.89
C ALA B 110 0.15 8.95 25.76
N VAL B 111 -1.02 9.24 26.35
CA VAL B 111 -1.77 8.19 27.11
C VAL B 111 -2.14 7.05 26.18
N PHE B 112 -2.68 7.38 25.05
CA PHE B 112 -3.10 6.38 24.07
C PHE B 112 -1.91 5.47 23.69
N TYR B 113 -0.84 6.06 23.20
CA TYR B 113 0.27 5.26 22.73
C TYR B 113 0.99 4.52 23.87
N GLY B 114 1.14 5.14 25.03
CA GLY B 114 1.88 4.53 26.12
C GLY B 114 1.10 3.33 26.62
N ALA B 115 -0.22 3.44 26.55
CA ALA B 115 -1.06 2.26 26.87
C ALA B 115 -0.95 1.16 25.81
N CYS B 116 -0.90 1.52 24.57
CA CYS B 116 -0.75 0.49 23.52
C CYS B 116 0.56 -0.32 23.67
N ARG B 117 1.65 0.39 24.02
CA ARG B 117 2.98 -0.16 24.14
C ARG B 117 3.04 -1.14 25.27
N ARG B 118 2.03 -1.13 26.12
CA ARG B 118 1.94 -2.08 27.21
C ARG B 118 0.79 -3.04 27.07
N GLY B 119 0.16 -3.07 25.92
CA GLY B 119 -1.00 -3.94 25.74
C GLY B 119 -2.18 -3.55 26.63
N VAL B 120 -2.17 -2.32 27.13
CA VAL B 120 -3.25 -1.84 27.97
C VAL B 120 -4.30 -1.30 27.04
N VAL B 121 -5.55 -1.47 27.42
CA VAL B 121 -6.70 -1.08 26.59
C VAL B 121 -7.26 0.30 26.94
N PHE B 122 -7.19 1.18 25.95
CA PHE B 122 -7.56 2.56 26.04
C PHE B 122 -9.08 2.70 25.81
N VAL B 123 -9.77 3.31 26.78
CA VAL B 123 -11.23 3.48 26.74
C VAL B 123 -11.52 4.96 26.87
N PRO B 124 -11.54 5.66 25.75
CA PRO B 124 -11.72 7.11 25.79
C PRO B 124 -13.18 7.45 25.95
N LEU B 125 -13.45 8.43 26.80
CA LEU B 125 -14.81 8.98 27.00
C LEU B 125 -14.84 10.48 26.67
N ASN B 126 -15.97 10.93 26.14
CA ASN B 126 -16.20 12.34 25.85
C ASN B 126 -16.45 13.14 27.12
N PRO B 127 -15.93 14.38 27.17
CA PRO B 127 -16.18 15.17 28.40
C PRO B 127 -17.60 15.57 28.76
N GLY B 128 -18.58 15.35 27.91
CA GLY B 128 -19.93 15.85 28.26
C GLY B 128 -20.75 15.05 29.25
N MET B 129 -20.28 13.85 29.64
CA MET B 129 -21.20 12.81 30.09
C MET B 129 -21.73 13.01 31.46
N LYS B 130 -22.95 12.56 31.66
CA LYS B 130 -23.64 12.69 32.93
C LYS B 130 -23.31 11.61 33.91
N PRO B 131 -23.37 11.90 35.21
CA PRO B 131 -22.97 10.92 36.17
C PRO B 131 -23.49 9.51 35.89
N PHE B 132 -24.80 9.32 35.73
CA PHE B 132 -25.32 7.95 35.63
C PHE B 132 -24.78 7.27 34.36
N HIS B 133 -24.52 8.07 33.33
CA HIS B 133 -24.03 7.58 32.08
C HIS B 133 -22.58 7.08 32.25
N LEU B 134 -21.78 7.90 32.96
CA LEU B 134 -20.41 7.52 33.40
C LEU B 134 -20.39 6.24 34.19
N ARG B 135 -21.26 6.15 35.19
CA ARG B 135 -21.30 4.96 36.02
C ARG B 135 -21.53 3.71 35.26
N SER B 136 -22.49 3.75 34.34
CA SER B 136 -22.79 2.63 33.51
C SER B 136 -21.61 2.20 32.57
N VAL B 137 -21.07 3.16 31.85
CA VAL B 137 -20.02 2.89 30.87
C VAL B 137 -18.76 2.39 31.59
N ILE B 138 -18.40 3.06 32.67
CA ILE B 138 -17.19 2.72 33.39
C ILE B 138 -17.25 1.33 33.91
N ALA B 139 -18.38 1.01 34.53
CA ALA B 139 -18.59 -0.34 35.00
C ALA B 139 -18.62 -1.33 33.82
N ASP B 140 -19.16 -0.96 32.70
CA ASP B 140 -19.13 -1.91 31.58
C ASP B 140 -17.64 -2.16 31.16
N ALA B 141 -16.84 -1.09 31.15
CA ALA B 141 -15.41 -1.17 30.74
C ALA B 141 -14.58 -1.91 31.74
N ASP B 142 -14.97 -1.81 32.98
CA ASP B 142 -14.34 -2.55 34.02
C ASP B 142 -12.83 -2.28 34.03
N PRO B 143 -12.43 -0.99 34.14
CA PRO B 143 -11.00 -0.66 34.06
C PRO B 143 -10.27 -0.79 35.40
N ARG B 144 -8.99 -0.52 35.40
CA ARG B 144 -8.16 -0.53 36.61
C ARG B 144 -8.21 0.84 37.27
N LEU B 145 -8.35 1.87 36.45
CA LEU B 145 -8.24 3.25 36.88
C LEU B 145 -8.85 4.18 35.88
N VAL B 146 -8.97 5.42 36.28
CA VAL B 146 -9.63 6.40 35.47
C VAL B 146 -8.79 7.66 35.44
N ILE B 147 -8.62 8.22 34.25
CA ILE B 147 -7.88 9.48 34.12
C ILE B 147 -8.82 10.62 33.71
N ALA B 148 -8.81 11.71 34.51
CA ALA B 148 -9.71 12.86 34.39
C ALA B 148 -8.95 14.10 33.99
N GLU B 149 -9.70 15.10 33.55
CA GLU B 149 -9.15 16.32 32.98
C GLU B 149 -8.61 17.30 34.02
N ASP B 150 -9.18 17.29 35.21
CA ASP B 150 -8.79 18.24 36.26
C ASP B 150 -9.38 17.74 37.53
N GLU B 151 -9.15 18.45 38.64
CA GLU B 151 -9.62 17.95 39.95
C GLU B 151 -11.15 17.99 40.07
N THR B 152 -11.77 18.97 39.49
CA THR B 152 -13.22 19.06 39.54
C THR B 152 -13.83 17.87 38.82
N ALA B 153 -13.38 17.65 37.58
CA ALA B 153 -13.80 16.45 36.82
C ALA B 153 -13.46 15.15 37.54
N ALA B 154 -12.33 15.09 38.25
CA ALA B 154 -11.99 13.88 38.98
C ALA B 154 -12.87 13.68 40.17
N ASP B 155 -13.32 14.74 40.81
CA ASP B 155 -14.30 14.59 41.91
C ASP B 155 -15.62 14.10 41.37
N ARG B 156 -16.08 14.63 40.27
CA ARG B 156 -17.31 14.08 39.68
C ARG B 156 -17.21 12.56 39.36
N LEU B 157 -16.08 12.14 38.81
CA LEU B 157 -15.89 10.71 38.55
C LEU B 157 -15.85 9.86 39.80
N ARG B 158 -15.33 10.38 40.91
CA ARG B 158 -15.28 9.60 42.16
C ARG B 158 -16.67 9.34 42.73
N ASP B 159 -17.66 10.15 42.39
CA ASP B 159 -19.03 9.86 42.85
C ASP B 159 -19.57 8.58 42.15
N VAL B 160 -18.94 8.24 41.04
CA VAL B 160 -19.52 7.32 40.08
C VAL B 160 -18.70 6.04 39.93
N THR B 161 -17.55 5.95 40.62
CA THR B 161 -16.75 4.72 40.68
C THR B 161 -15.94 4.74 41.98
N ASP B 162 -15.64 3.53 42.45
CA ASP B 162 -14.74 3.31 43.52
C ASP B 162 -13.30 3.12 43.05
N LEU B 163 -13.08 3.01 41.74
CA LEU B 163 -11.72 2.91 41.24
C LEU B 163 -10.99 4.22 41.47
N PRO B 164 -9.65 4.16 41.53
CA PRO B 164 -8.81 5.34 41.56
C PRO B 164 -8.97 6.21 40.33
N VAL B 165 -9.14 7.51 40.55
CA VAL B 165 -9.29 8.51 39.50
C VAL B 165 -8.14 9.44 39.63
N TYR B 166 -7.50 9.76 38.52
CA TYR B 166 -6.28 10.57 38.55
C TYR B 166 -6.47 11.76 37.68
N SER B 167 -6.17 12.95 38.21
CA SER B 167 -6.12 14.18 37.43
C SER B 167 -4.97 14.14 36.47
N ILE B 168 -5.14 14.58 35.24
CA ILE B 168 -4.03 14.52 34.27
C ILE B 168 -2.84 15.37 34.72
N ASP B 169 -3.11 16.51 35.35
CA ASP B 169 -2.03 17.31 35.93
C ASP B 169 -1.20 16.59 37.03
N SER B 170 -1.82 16.11 38.10
CA SER B 170 -1.02 15.39 39.10
C SER B 170 -0.16 14.31 38.45
N LEU B 171 -0.83 13.42 37.73
CA LEU B 171 -0.23 12.27 37.02
C LEU B 171 0.93 12.74 36.11
N TRP B 172 0.75 13.84 35.40
CA TRP B 172 1.75 14.32 34.50
C TRP B 172 3.08 14.71 35.20
N ALA B 173 3.04 15.18 36.44
CA ALA B 173 4.30 15.49 37.13
C ALA B 173 5.22 14.27 37.20
N ASP B 174 4.65 13.15 37.57
CA ASP B 174 5.36 11.86 37.62
C ASP B 174 5.84 11.41 36.24
N VAL B 175 5.03 11.63 35.19
CA VAL B 175 5.42 11.26 33.83
C VAL B 175 6.63 12.03 33.38
N GLU B 176 6.67 13.31 33.73
CA GLU B 176 7.82 14.14 33.42
C GLU B 176 9.08 13.64 34.14
N ARG B 177 8.95 13.28 35.41
CA ARG B 177 10.10 12.76 36.14
C ARG B 177 10.59 11.49 35.44
N LEU B 178 9.65 10.64 35.05
CA LEU B 178 9.94 9.39 34.43
C LEU B 178 10.59 9.64 33.10
N ARG B 179 10.10 10.65 32.40
CA ARG B 179 10.68 11.01 31.11
C ARG B 179 12.16 11.40 31.27
N ASP B 180 12.43 12.20 32.30
CA ASP B 180 13.77 12.77 32.54
C ASP B 180 14.76 11.67 32.86
N ALA B 181 14.33 10.72 33.66
CA ALA B 181 15.07 9.48 33.91
C ALA B 181 15.15 8.49 32.69
N GLY B 182 14.56 8.80 31.53
CA GLY B 182 14.51 7.83 30.40
C GLY B 182 13.77 6.50 30.68
N ALA B 183 12.77 6.53 31.54
CA ALA B 183 12.00 5.30 31.81
C ALA B 183 11.11 4.86 30.64
N GLY B 184 10.93 3.55 30.50
CA GLY B 184 9.79 2.99 29.79
C GLY B 184 10.13 2.68 28.35
N ALA B 185 11.41 2.78 27.98
CA ALA B 185 11.84 2.47 26.60
C ALA B 185 11.73 1.01 26.20
N GLU B 186 11.85 0.15 27.19
CA GLU B 186 11.61 -1.29 27.11
C GLU B 186 10.33 -1.63 26.34
N ALA B 187 10.40 -2.61 25.45
CA ALA B 187 9.22 -3.23 24.89
C ALA B 187 8.66 -4.29 25.83
N VAL B 188 7.51 -4.81 25.48
CA VAL B 188 6.86 -5.86 26.23
C VAL B 188 6.09 -6.61 25.17
N GLU B 189 5.74 -7.86 25.39
CA GLU B 189 4.98 -8.60 24.41
C GLU B 189 3.57 -8.03 24.31
N VAL B 190 3.21 -7.65 23.10
CA VAL B 190 1.81 -7.32 22.75
C VAL B 190 1.47 -8.00 21.47
N SER B 191 0.33 -8.66 21.41
CA SER B 191 -0.03 -9.37 20.18
C SER B 191 -0.83 -8.45 19.28
N PRO B 192 -0.65 -8.55 17.94
CA PRO B 192 -1.54 -7.88 17.02
C PRO B 192 -3.03 -8.15 17.27
N GLU B 193 -3.35 -9.27 17.93
CA GLU B 193 -4.74 -9.63 18.22
C GLU B 193 -5.20 -9.05 19.53
N ASP B 194 -4.30 -8.45 20.29
CA ASP B 194 -4.67 -7.79 21.56
C ASP B 194 -5.56 -6.60 21.28
N LEU B 195 -6.56 -6.44 22.13
CA LEU B 195 -7.39 -5.26 22.15
C LEU B 195 -6.57 -4.02 22.46
N ALA B 196 -6.78 -2.99 21.66
CA ALA B 196 -6.11 -1.72 21.87
C ALA B 196 -7.06 -0.63 22.36
N VAL B 197 -8.25 -0.61 21.82
CA VAL B 197 -9.22 0.38 22.30
C VAL B 197 -10.68 -0.17 22.36
N LEU B 198 -11.45 0.36 23.30
CA LEU B 198 -12.90 0.15 23.34
C LEU B 198 -13.55 1.44 22.96
N ILE B 199 -14.39 1.40 21.94
CA ILE B 199 -15.11 2.55 21.53
C ILE B 199 -16.60 2.43 21.90
N TYR B 200 -17.02 3.22 22.86
CA TYR B 200 -18.45 3.17 23.31
C TYR B 200 -19.31 3.92 22.31
N THR B 201 -20.29 3.24 21.70
CA THR B 201 -21.19 3.88 20.78
C THR B 201 -22.60 4.23 21.42
N SER B 202 -22.88 3.70 22.58
CA SER B 202 -24.18 3.90 23.19
C SER B 202 -24.41 5.30 23.77
N GLY B 203 -25.58 5.88 23.53
CA GLY B 203 -25.94 7.14 24.17
C GLY B 203 -26.40 6.89 25.60
N SER B 204 -26.64 8.00 26.30
CA SER B 204 -27.03 7.97 27.67
C SER B 204 -28.34 7.21 27.97
N THR B 205 -29.25 7.14 27.02
CA THR B 205 -30.47 6.41 27.16
C THR B 205 -30.38 4.94 26.77
N ALA B 206 -29.16 4.45 26.52
CA ALA B 206 -28.95 3.10 25.97
C ALA B 206 -28.13 2.30 26.94
N ALA B 207 -28.30 0.98 26.87
CA ALA B 207 -27.46 0.06 27.60
C ALA B 207 -26.06 0.21 27.07
N PRO B 208 -25.03 0.06 27.94
CA PRO B 208 -23.70 0.36 27.51
C PRO B 208 -23.21 -0.61 26.46
N LYS B 209 -22.39 -0.13 25.53
CA LYS B 209 -22.01 -0.90 24.41
C LYS B 209 -20.81 -0.31 23.74
N ALA B 210 -19.76 -1.13 23.55
CA ALA B 210 -18.52 -0.70 22.95
C ALA B 210 -18.06 -1.68 21.89
N VAL B 211 -17.54 -1.16 20.78
CA VAL B 211 -16.82 -1.97 19.87
C VAL B 211 -15.43 -2.26 20.39
N ALA B 212 -15.03 -3.53 20.35
CA ALA B 212 -13.70 -3.97 20.80
C ALA B 212 -12.73 -4.03 19.64
N CYS B 213 -11.68 -3.19 19.69
CA CYS B 213 -10.85 -2.99 18.53
C CYS B 213 -9.48 -3.50 18.79
N PRO B 214 -9.10 -4.60 18.13
CA PRO B 214 -7.70 -5.08 18.24
C PRO B 214 -6.70 -4.26 17.47
N HIS B 215 -5.44 -4.36 17.86
CA HIS B 215 -4.34 -3.64 17.18
C HIS B 215 -4.33 -3.78 15.66
N GLN B 216 -4.47 -4.99 15.16
CA GLN B 216 -4.20 -5.16 13.69
C GLN B 216 -5.27 -4.51 12.85
N GLN B 217 -6.54 -4.69 13.27
CA GLN B 217 -7.65 -4.06 12.54
C GLN B 217 -7.42 -2.56 12.44
N ILE B 218 -6.98 -1.97 13.56
CA ILE B 218 -6.87 -0.54 13.66
C ILE B 218 -5.84 -0.13 12.66
N VAL B 219 -4.65 -0.72 12.76
CA VAL B 219 -3.55 -0.34 11.88
C VAL B 219 -3.92 -0.59 10.44
N PHE B 220 -4.55 -1.73 10.17
CA PHE B 220 -5.02 -1.96 8.84
C PHE B 220 -5.95 -0.85 8.34
N ALA B 221 -7.01 -0.57 9.11
CA ALA B 221 -7.98 0.45 8.66
C ALA B 221 -7.32 1.78 8.47
N ALA B 222 -6.37 2.17 9.33
CA ALA B 222 -5.66 3.41 9.05
C ALA B 222 -4.90 3.38 7.74
N SER B 223 -4.16 2.32 7.48
CA SER B 223 -3.41 2.20 6.20
C SER B 223 -4.40 2.19 5.00
N SER B 224 -5.55 1.53 5.15
CA SER B 224 -6.49 1.46 4.03
C SER B 224 -7.17 2.80 3.70
N ILE B 225 -7.60 3.49 4.72
CA ILE B 225 -8.13 4.84 4.55
C ILE B 225 -7.11 5.75 3.88
N ASN B 226 -5.87 5.67 4.38
CA ASN B 226 -4.82 6.53 3.83
C ASN B 226 -4.47 6.20 2.39
N ALA B 227 -4.59 4.92 2.03
CA ALA B 227 -4.30 4.51 0.64
C ALA B 227 -5.26 5.24 -0.32
N VAL B 228 -6.47 5.57 0.15
CA VAL B 228 -7.37 6.36 -0.67
C VAL B 228 -7.13 7.89 -0.53
N LEU B 229 -6.95 8.38 0.70
CA LEU B 229 -6.96 9.81 0.93
C LEU B 229 -5.63 10.46 0.63
N GLY B 230 -4.57 9.71 0.84
CA GLY B 230 -3.25 10.20 0.48
C GLY B 230 -2.72 11.33 1.37
N TYR B 231 -2.86 11.22 2.70
CA TYR B 231 -2.15 12.12 3.61
C TYR B 231 -0.67 11.87 3.41
N HIS B 232 0.13 12.89 3.58
CA HIS B 232 1.58 12.74 3.48
C HIS B 232 2.27 13.62 4.51
N ALA B 233 3.59 13.48 4.57
CA ALA B 233 4.38 13.99 5.68
C ALA B 233 4.34 15.51 5.79
N GLU B 234 4.11 16.18 4.68
CA GLU B 234 3.99 17.63 4.70
C GLU B 234 2.58 18.11 4.95
N ASP B 235 1.59 17.22 5.14
CA ASP B 235 0.26 17.74 5.46
C ASP B 235 0.20 18.24 6.88
N ILE B 236 -0.76 19.10 7.16
CA ILE B 236 -0.99 19.57 8.50
C ILE B 236 -2.47 19.37 8.70
N VAL B 237 -2.84 18.52 9.67
CA VAL B 237 -4.24 18.05 9.83
C VAL B 237 -4.90 18.80 10.96
N PHE B 238 -5.95 19.53 10.64
CA PHE B 238 -6.65 20.31 11.63
C PHE B 238 -7.83 19.54 12.15
N CYS B 239 -7.71 19.11 13.40
CA CYS B 239 -8.67 18.21 13.97
C CYS B 239 -9.37 18.80 15.17
N ARG B 240 -10.63 19.15 14.92
CA ARG B 240 -11.54 19.76 15.88
C ARG B 240 -12.38 18.67 16.54
N MET B 241 -12.35 17.52 15.90
CA MET B 241 -13.06 16.37 16.42
C MET B 241 -12.34 15.87 17.63
N SER B 242 -13.10 15.26 18.51
CA SER B 242 -12.54 14.63 19.67
C SER B 242 -11.72 13.39 19.31
N VAL B 243 -10.51 13.31 19.87
CA VAL B 243 -9.69 12.11 19.71
C VAL B 243 -10.19 10.91 20.56
N SER B 244 -11.33 11.08 21.24
CA SER B 244 -12.07 9.99 21.93
C SER B 244 -13.22 9.41 21.12
N TRP B 245 -13.46 10.02 19.98
CA TRP B 245 -14.35 9.51 19.01
C TRP B 245 -13.36 8.87 18.01
N ASP B 246 -13.72 7.74 17.42
CA ASP B 246 -12.82 7.07 16.48
C ASP B 246 -12.46 7.98 15.29
N PHE B 247 -13.26 9.00 15.01
CA PHE B 247 -12.98 9.86 13.88
C PHE B 247 -11.67 10.58 14.16
N GLY B 248 -11.58 11.28 15.28
CA GLY B 248 -10.35 11.93 15.65
C GLY B 248 -9.19 11.02 16.01
N LEU B 249 -9.51 9.89 16.61
CA LEU B 249 -8.47 8.92 16.95
C LEU B 249 -7.65 8.48 15.72
N TYR B 250 -8.34 8.28 14.58
CA TYR B 250 -7.67 7.84 13.36
C TYR B 250 -6.97 8.93 12.66
N LYS B 251 -7.31 10.13 13.02
CA LYS B 251 -6.51 11.23 12.52
C LYS B 251 -5.18 11.24 13.30
N VAL B 252 -5.22 10.85 14.58
CA VAL B 252 -3.92 10.61 15.33
C VAL B 252 -3.09 9.52 14.66
N LEU B 253 -3.75 8.43 14.33
CA LEU B 253 -3.04 7.31 13.72
C LEU B 253 -2.49 7.62 12.34
N ILE B 254 -3.31 8.25 11.50
CA ILE B 254 -2.91 8.47 10.13
C ILE B 254 -1.85 9.51 10.06
N SER B 255 -1.93 10.55 10.89
CA SER B 255 -0.83 11.51 10.95
C SER B 255 0.42 10.81 11.37
N THR B 256 0.30 9.95 12.38
CA THR B 256 1.44 9.21 12.83
C THR B 256 1.99 8.27 11.75
N LEU B 257 1.09 7.59 11.05
CA LEU B 257 1.49 6.65 10.03
C LEU B 257 2.34 7.36 9.00
N THR B 258 1.96 8.57 8.62
CA THR B 258 2.57 9.24 7.47
C THR B 258 3.58 10.30 7.83
N GLY B 259 3.75 10.65 9.11
CA GLY B 259 4.68 11.71 9.48
C GLY B 259 4.09 13.11 9.46
N ALA B 260 2.80 13.21 9.21
CA ALA B 260 2.18 14.51 9.16
C ALA B 260 2.17 15.15 10.53
N LYS B 261 1.71 16.38 10.54
CA LYS B 261 1.51 17.11 11.77
C LYS B 261 0.02 17.19 12.08
N LEU B 262 -0.34 16.84 13.32
CA LEU B 262 -1.72 16.94 13.74
C LEU B 262 -1.92 18.16 14.65
N VAL B 263 -2.95 18.93 14.34
CA VAL B 263 -3.32 20.08 15.15
C VAL B 263 -4.59 19.73 15.88
N LEU B 264 -4.46 19.62 17.20
CA LEU B 264 -5.59 19.28 18.02
C LEU B 264 -6.30 20.56 18.40
N ALA B 265 -7.47 20.81 17.85
CA ALA B 265 -8.26 21.98 18.24
C ALA B 265 -9.52 21.61 18.98
N GLY B 266 -10.21 22.64 19.49
CA GLY B 266 -11.40 22.48 20.33
C GLY B 266 -11.67 23.70 21.21
N LEU B 273 -12.51 30.62 14.19
CA LEU B 273 -11.64 29.52 13.75
C LEU B 273 -10.98 29.59 12.39
N VAL B 274 -11.37 30.55 11.55
CA VAL B 274 -10.71 30.71 10.24
C VAL B 274 -9.22 31.05 10.41
N LYS B 275 -8.97 31.86 11.45
CA LYS B 275 -7.61 32.23 11.85
C LYS B 275 -6.79 31.00 12.24
N SER B 276 -7.33 30.21 13.18
CA SER B 276 -6.69 28.94 13.57
C SER B 276 -6.29 28.10 12.34
N LEU B 277 -7.19 27.97 11.36
CA LEU B 277 -6.88 27.18 10.18
C LEU B 277 -5.70 27.76 9.42
N ARG B 278 -5.74 29.07 9.13
CA ARG B 278 -4.69 29.74 8.36
C ARG B 278 -3.34 29.75 9.09
N GLU B 279 -3.37 30.14 10.36
CA GLU B 279 -2.14 30.22 11.15
C GLU B 279 -1.52 28.86 11.41
N SER B 280 -2.32 27.78 11.39
CA SER B 280 -1.78 26.45 11.53
C SER B 280 -1.25 25.92 10.19
N GLY B 281 -1.58 26.57 9.09
CA GLY B 281 -1.10 26.10 7.81
C GLY B 281 -1.88 24.86 7.42
N ALA B 282 -3.04 24.68 8.02
CA ALA B 282 -3.86 23.48 7.83
C ALA B 282 -4.02 23.10 6.38
N THR B 283 -3.76 21.85 6.05
CA THR B 283 -3.98 21.38 4.69
C THR B 283 -5.12 20.41 4.56
N MET B 284 -5.38 19.65 5.62
CA MET B 284 -6.44 18.65 5.61
C MET B 284 -7.32 18.89 6.79
N MET B 285 -8.61 18.74 6.61
CA MET B 285 -9.55 19.02 7.68
C MET B 285 -10.65 18.01 7.64
N PRO B 286 -10.69 17.10 8.61
CA PRO B 286 -11.89 16.31 8.73
C PRO B 286 -13.06 17.17 9.23
N ILE B 287 -14.23 16.89 8.73
CA ILE B 287 -15.41 17.66 9.09
C ILE B 287 -16.61 16.74 9.27
N VAL B 288 -17.65 17.32 9.81
CA VAL B 288 -18.99 16.75 9.91
C VAL B 288 -19.93 17.85 9.43
N PRO B 289 -21.17 17.49 9.03
CA PRO B 289 -22.06 18.53 8.48
C PRO B 289 -22.13 19.83 9.30
N SER B 290 -22.25 19.69 10.63
CA SER B 290 -22.41 20.84 11.50
C SER B 290 -21.20 21.76 11.36
N LEU B 291 -20.02 21.20 11.51
CA LEU B 291 -18.78 21.97 11.37
C LEU B 291 -18.60 22.58 9.97
N ALA B 292 -19.01 21.87 8.93
CA ALA B 292 -18.90 22.40 7.59
C ALA B 292 -19.77 23.67 7.36
N SER B 293 -21.03 23.63 7.79
CA SER B 293 -21.94 24.80 7.69
C SER B 293 -21.36 26.01 8.42
N MET B 294 -20.91 25.77 9.64
CA MET B 294 -20.28 26.82 10.47
C MET B 294 -19.12 27.44 9.71
N LEU B 295 -18.31 26.60 9.07
CA LEU B 295 -17.16 27.07 8.29
C LEU B 295 -17.52 27.87 7.01
N THR B 296 -18.58 27.46 6.31
CA THR B 296 -19.00 28.15 5.09
C THR B 296 -19.50 29.54 5.44
N THR B 297 -20.23 29.61 6.56
CA THR B 297 -20.60 30.88 7.18
C THR B 297 -19.44 31.91 7.25
N LEU B 298 -18.34 31.53 7.89
CA LEU B 298 -17.17 32.42 7.97
C LEU B 298 -16.26 32.21 6.75
N ALA B 306 -8.05 30.87 4.27
CA ALA B 306 -7.14 29.79 4.61
C ALA B 306 -6.78 29.01 3.34
N PRO B 307 -5.96 29.66 2.52
CA PRO B 307 -5.60 29.10 1.22
C PRO B 307 -4.89 27.75 1.24
N THR B 308 -4.25 27.38 2.36
CA THR B 308 -3.50 26.11 2.45
C THR B 308 -4.36 24.85 2.41
N LEU B 309 -5.65 24.97 2.75
CA LEU B 309 -6.57 23.82 2.77
C LEU B 309 -6.74 23.14 1.41
N ARG B 310 -6.43 21.84 1.32
CA ARG B 310 -6.51 21.04 0.08
C ARG B 310 -7.55 19.89 0.11
N MET B 311 -8.06 19.57 1.30
CA MET B 311 -9.08 18.52 1.42
C MET B 311 -9.91 18.66 2.68
N PHE B 312 -11.19 18.39 2.51
CA PHE B 312 -12.14 18.18 3.57
C PHE B 312 -12.60 16.76 3.46
N THR B 313 -12.63 16.07 4.60
CA THR B 313 -13.14 14.70 4.65
C THR B 313 -14.29 14.55 5.61
N ASN B 314 -15.35 13.96 5.12
CA ASN B 314 -16.58 13.90 5.88
C ASN B 314 -16.95 12.46 6.09
N SER B 315 -17.05 12.11 7.35
CA SER B 315 -17.68 10.85 7.78
C SER B 315 -18.93 11.25 8.58
N ALA B 316 -19.33 10.48 9.59
CA ALA B 316 -20.45 10.88 10.46
C ALA B 316 -21.81 10.82 9.76
N ALA B 317 -22.00 11.62 8.70
CA ALA B 317 -23.32 11.73 8.09
C ALA B 317 -23.31 12.48 6.78
N ALA B 318 -24.33 12.23 5.97
CA ALA B 318 -24.46 12.84 4.67
C ALA B 318 -24.18 14.35 4.69
N LEU B 319 -23.32 14.77 3.79
CA LEU B 319 -23.04 16.18 3.58
C LEU B 319 -23.98 16.61 2.47
N PRO B 320 -24.89 17.59 2.75
CA PRO B 320 -25.85 18.02 1.75
C PRO B 320 -25.21 18.81 0.62
N GLN B 321 -25.82 18.76 -0.55
CA GLN B 321 -25.20 19.36 -1.73
C GLN B 321 -24.84 20.81 -1.46
N VAL B 322 -25.76 21.52 -0.77
CA VAL B 322 -25.67 22.96 -0.52
C VAL B 322 -24.40 23.33 0.25
N THR B 323 -24.05 22.49 1.23
CA THR B 323 -22.82 22.67 1.96
C THR B 323 -21.62 22.37 1.06
N ILE B 324 -21.73 21.32 0.25
CA ILE B 324 -20.63 20.95 -0.64
C ILE B 324 -20.27 22.11 -1.56
N ASP B 325 -21.31 22.68 -2.15
CA ASP B 325 -21.16 23.79 -3.08
C ASP B 325 -20.53 24.99 -2.40
N ALA B 326 -20.96 25.26 -1.17
CA ALA B 326 -20.45 26.41 -0.43
C ALA B 326 -18.98 26.26 -0.10
N LEU B 327 -18.57 25.05 0.25
CA LEU B 327 -17.17 24.77 0.59
C LEU B 327 -16.32 24.96 -0.63
N ARG B 328 -16.82 24.50 -1.77
CA ARG B 328 -16.03 24.59 -3.00
C ARG B 328 -15.88 26.03 -3.44
N SER B 329 -16.97 26.80 -3.25
CA SER B 329 -17.00 28.27 -3.51
C SER B 329 -15.94 28.96 -2.66
N ALA B 330 -15.92 28.63 -1.37
CA ALA B 330 -14.97 29.24 -0.44
C ALA B 330 -13.51 28.71 -0.61
N PHE B 331 -13.33 27.45 -1.02
CA PHE B 331 -12.00 26.81 -1.24
C PHE B 331 -11.86 25.95 -2.51
N ALA B 334 -9.56 23.00 -2.81
CA ALA B 334 -9.78 21.93 -1.83
C ALA B 334 -10.81 20.94 -2.37
N GLN B 335 -10.54 19.66 -2.15
CA GLN B 335 -11.41 18.57 -2.57
C GLN B 335 -12.35 18.24 -1.42
N VAL B 336 -13.57 17.84 -1.72
CA VAL B 336 -14.54 17.49 -0.72
C VAL B 336 -14.85 16.05 -0.91
N VAL B 337 -14.45 15.27 0.09
CA VAL B 337 -14.42 13.83 -0.07
C VAL B 337 -15.51 13.22 0.79
N ARG B 338 -16.37 12.46 0.12
CA ARG B 338 -17.41 11.74 0.80
C ARG B 338 -16.96 10.36 1.26
N MET B 339 -17.41 9.99 2.46
CA MET B 339 -17.04 8.71 3.10
C MET B 339 -18.24 8.16 3.82
N TYR B 340 -18.27 6.87 4.02
CA TYR B 340 -19.35 6.26 4.80
C TYR B 340 -18.73 5.14 5.60
N GLY B 341 -19.23 4.94 6.81
CA GLY B 341 -18.70 3.88 7.68
C GLY B 341 -19.57 3.68 8.91
N GLN B 342 -19.18 2.72 9.74
CA GLN B 342 -19.73 2.47 11.07
C GLN B 342 -18.54 2.16 11.94
N THR B 343 -18.72 2.35 13.25
CA THR B 343 -17.73 2.03 14.23
C THR B 343 -17.29 0.58 14.16
N GLU B 344 -18.21 -0.31 13.81
CA GLU B 344 -18.00 -1.76 13.84
C GLU B 344 -16.82 -2.23 12.90
N CYS B 345 -16.44 -1.37 11.94
CA CYS B 345 -15.30 -1.65 11.10
C CYS B 345 -14.54 -0.38 10.70
N LYS B 346 -14.65 0.65 11.54
CA LYS B 346 -14.12 1.96 11.30
C LYS B 346 -14.69 2.66 10.10
N ARG B 347 -14.49 2.11 8.88
CA ARG B 347 -14.99 2.76 7.68
C ARG B 347 -15.30 1.76 6.55
N ILE B 348 -16.26 2.13 5.70
CA ILE B 348 -16.81 1.23 4.71
C ILE B 348 -16.44 1.62 3.31
N SER B 349 -16.65 2.87 2.97
CA SER B 349 -16.39 3.33 1.62
C SER B 349 -15.86 4.73 1.69
N ILE B 350 -15.04 5.04 0.68
CA ILE B 350 -14.57 6.37 0.43
C ILE B 350 -14.68 6.69 -1.06
N MET B 351 -15.15 7.88 -1.40
CA MET B 351 -15.13 8.36 -2.78
C MET B 351 -13.75 8.91 -3.06
N PRO B 352 -13.09 8.36 -4.07
CA PRO B 352 -11.75 8.86 -4.28
C PRO B 352 -11.75 10.37 -4.62
N PRO B 353 -10.88 11.17 -3.98
CA PRO B 353 -10.72 12.61 -4.24
C PRO B 353 -10.75 13.09 -5.68
N HIS B 354 -10.00 12.41 -6.56
CA HIS B 354 -10.03 12.73 -7.97
C HIS B 354 -11.42 12.55 -8.58
N LEU B 355 -12.31 11.80 -7.91
CA LEU B 355 -13.71 11.62 -8.41
C LEU B 355 -14.77 12.46 -7.64
N GLU B 356 -14.32 13.51 -6.93
CA GLU B 356 -15.18 14.28 -5.97
C GLU B 356 -16.40 14.91 -6.65
N HIS B 357 -16.28 15.22 -7.96
CA HIS B 357 -17.35 15.85 -8.75
C HIS B 357 -18.32 14.85 -9.35
N GLU B 358 -18.15 13.57 -9.07
CA GLU B 358 -18.83 12.57 -9.86
C GLU B 358 -19.69 11.71 -9.03
N ARG B 359 -20.72 11.15 -9.64
CA ARG B 359 -21.65 10.25 -8.98
C ARG B 359 -22.16 10.86 -7.65
N PRO B 360 -22.84 12.02 -7.71
CA PRO B 360 -23.30 12.74 -6.50
C PRO B 360 -24.03 11.88 -5.45
N ASP B 361 -24.74 10.84 -5.86
CA ASP B 361 -25.50 9.98 -4.94
C ASP B 361 -24.69 8.88 -4.25
N SER B 362 -23.42 8.71 -4.65
CA SER B 362 -22.56 7.68 -4.08
C SER B 362 -21.81 8.13 -2.83
N VAL B 363 -21.56 7.15 -1.96
CA VAL B 363 -20.62 7.33 -0.84
C VAL B 363 -19.25 6.60 -1.12
N GLY B 364 -18.98 6.31 -2.37
CA GLY B 364 -17.65 5.85 -2.80
C GLY B 364 -17.46 4.37 -2.97
N LEU B 365 -16.18 3.98 -3.01
CA LEU B 365 -15.77 2.61 -3.25
C LEU B 365 -15.34 2.02 -1.95
N PRO B 366 -15.44 0.68 -1.81
CA PRO B 366 -14.95 -0.02 -0.63
C PRO B 366 -13.53 0.38 -0.31
N LEU B 367 -13.15 0.26 0.95
CA LEU B 367 -11.79 0.53 1.35
C LEU B 367 -10.88 -0.50 0.63
N PRO B 368 -9.68 -0.10 0.25
CA PRO B 368 -8.76 -1.07 -0.43
C PRO B 368 -8.51 -2.24 0.49
N GLY B 369 -8.65 -3.45 -0.05
CA GLY B 369 -8.47 -4.68 0.73
C GLY B 369 -9.71 -5.17 1.46
N THR B 370 -10.87 -4.58 1.19
CA THR B 370 -12.07 -5.00 1.90
C THR B 370 -13.04 -5.32 0.80
N THR B 371 -14.12 -5.99 1.16
CA THR B 371 -15.18 -6.29 0.18
C THR B 371 -16.52 -5.84 0.76
N ILE B 372 -17.30 -5.08 -0.03
CA ILE B 372 -18.69 -4.77 0.28
C ILE B 372 -19.56 -5.71 -0.57
N GLU B 373 -20.46 -6.48 0.05
CA GLU B 373 -21.49 -7.21 -0.70
C GLU B 373 -22.90 -6.83 -0.22
N ILE B 374 -23.82 -6.78 -1.18
CA ILE B 374 -25.20 -6.46 -0.93
C ILE B 374 -25.97 -7.77 -0.89
N LEU B 375 -26.59 -8.09 0.22
CA LEU B 375 -27.34 -9.35 0.36
C LEU B 375 -28.89 -9.22 0.30
N ASP B 376 -29.50 -10.27 -0.27
CA ASP B 376 -30.96 -10.39 -0.64
C ASP B 376 -31.91 -10.37 0.57
N THR B 380 -28.20 -13.95 0.04
CA THR B 380 -27.61 -14.25 -1.27
C THR B 380 -27.22 -12.97 -2.00
N LEU B 381 -26.08 -13.05 -2.69
CA LEU B 381 -25.51 -11.93 -3.39
C LEU B 381 -26.51 -11.37 -4.39
N LEU B 382 -26.69 -10.07 -4.36
CA LEU B 382 -27.53 -9.41 -5.33
C LEU B 382 -26.63 -8.93 -6.46
N PRO B 383 -27.22 -8.67 -7.63
CA PRO B 383 -26.47 -8.03 -8.71
C PRO B 383 -26.55 -6.50 -8.62
N PRO B 384 -25.70 -5.80 -9.39
CA PRO B 384 -25.70 -4.34 -9.42
C PRO B 384 -27.09 -3.74 -9.64
N GLY B 385 -27.33 -2.58 -9.04
CA GLY B 385 -28.59 -1.89 -9.14
C GLY B 385 -29.61 -2.32 -8.10
N GLU B 386 -29.47 -3.55 -7.58
CA GLU B 386 -30.50 -4.13 -6.72
C GLU B 386 -30.28 -3.76 -5.27
N PRO B 387 -31.33 -3.28 -4.59
CA PRO B 387 -31.20 -2.90 -3.14
C PRO B 387 -31.08 -4.12 -2.19
N GLY B 388 -30.27 -4.00 -1.14
CA GLY B 388 -30.08 -5.08 -0.16
C GLY B 388 -29.30 -4.60 1.03
N GLU B 389 -29.01 -5.51 1.97
CA GLU B 389 -28.24 -5.15 3.12
C GLU B 389 -26.78 -4.94 2.78
N ILE B 390 -26.29 -3.76 3.14
CA ILE B 390 -24.89 -3.48 2.99
C ILE B 390 -24.14 -4.31 4.00
N THR B 391 -23.25 -5.15 3.49
CA THR B 391 -22.54 -6.08 4.29
C THR B 391 -21.05 -6.02 3.90
N VAL B 392 -20.16 -6.36 4.84
CA VAL B 392 -18.74 -6.03 4.77
C VAL B 392 -17.86 -7.13 5.34
N THR B 393 -16.76 -7.41 4.64
CA THR B 393 -15.79 -8.42 5.07
C THR B 393 -14.36 -7.89 4.89
N GLY B 394 -13.48 -8.18 5.83
CA GLY B 394 -12.09 -7.76 5.63
C GLY B 394 -11.35 -7.46 6.93
N PRO B 395 -10.09 -7.09 6.79
CA PRO B 395 -9.18 -6.94 7.93
C PRO B 395 -9.41 -5.68 8.79
N HIS B 396 -10.50 -4.99 8.54
CA HIS B 396 -10.95 -3.82 9.34
C HIS B 396 -12.16 -4.16 10.20
N VAL B 397 -12.81 -5.27 9.87
CA VAL B 397 -13.94 -5.71 10.68
C VAL B 397 -13.43 -5.95 12.10
N MET B 398 -13.91 -5.17 13.04
CA MET B 398 -13.44 -5.25 14.41
C MET B 398 -13.90 -6.54 15.11
N ALA B 399 -13.49 -6.74 16.35
CA ALA B 399 -13.68 -7.99 17.04
C ALA B 399 -15.06 -8.24 17.66
N GLY B 400 -16.07 -7.40 17.45
CA GLY B 400 -17.34 -7.56 18.14
C GLY B 400 -17.55 -6.45 19.18
N TYR B 401 -18.60 -6.61 20.00
CA TYR B 401 -18.88 -5.70 21.13
C TYR B 401 -18.28 -6.27 22.41
N TRP B 402 -17.77 -5.37 23.30
CA TRP B 402 -17.09 -5.82 24.54
C TRP B 402 -18.08 -6.56 25.45
N ARG B 403 -17.77 -7.82 25.79
CA ARG B 403 -18.50 -8.68 26.73
C ARG B 403 -19.97 -8.77 26.44
N ALA B 404 -20.32 -8.89 25.17
CA ALA B 404 -21.72 -8.95 24.77
C ALA B 404 -21.86 -9.94 23.61
N PRO B 405 -21.66 -11.23 23.87
CA PRO B 405 -21.61 -12.24 22.76
C PRO B 405 -22.86 -12.29 21.88
N GLU B 406 -24.00 -12.17 22.52
CA GLU B 406 -25.31 -12.29 21.88
C GLU B 406 -25.50 -11.15 20.84
N ILE B 407 -25.34 -9.91 21.29
CA ILE B 407 -25.47 -8.74 20.43
C ILE B 407 -24.42 -8.76 19.28
N THR B 408 -23.23 -9.29 19.55
CA THR B 408 -22.18 -9.36 18.53
C THR B 408 -22.56 -10.39 17.47
N ALA B 409 -23.12 -11.53 17.91
CA ALA B 409 -23.52 -12.61 16.99
C ALA B 409 -24.52 -12.17 15.89
N ARG B 410 -25.32 -11.18 16.19
CA ARG B 410 -26.29 -10.70 15.23
C ARG B 410 -25.74 -9.63 14.27
N ALA B 411 -24.61 -9.03 14.61
CA ALA B 411 -23.98 -8.08 13.71
C ALA B 411 -22.79 -8.78 12.99
N TYR B 412 -22.03 -9.55 13.74
CA TYR B 412 -20.81 -10.15 13.22
C TYR B 412 -21.09 -11.67 12.99
N ARG B 413 -21.15 -12.12 11.72
CA ARG B 413 -21.61 -13.52 11.34
C ARG B 413 -20.60 -14.31 10.41
N ARG B 414 -21.02 -15.37 9.67
CA ARG B 414 -20.11 -16.21 8.79
C ARG B 414 -20.68 -16.81 7.47
N MET B 421 -16.02 -14.21 8.01
CA MET B 421 -16.48 -13.21 9.01
C MET B 421 -17.02 -11.86 8.47
N ARG B 422 -18.29 -11.66 8.73
CA ARG B 422 -19.04 -10.70 7.94
C ARG B 422 -19.82 -9.75 8.81
N LEU B 423 -19.61 -8.46 8.62
CA LEU B 423 -20.39 -7.45 9.31
C LEU B 423 -21.65 -7.11 8.54
N HIS B 424 -22.79 -7.24 9.21
CA HIS B 424 -24.08 -6.83 8.67
C HIS B 424 -24.45 -5.50 9.29
N THR B 425 -24.52 -4.46 8.46
CA THR B 425 -24.56 -3.09 8.92
C THR B 425 -25.97 -2.61 9.34
N GLY B 426 -27.02 -3.27 8.86
CA GLY B 426 -28.37 -2.79 9.03
C GLY B 426 -28.62 -1.58 8.16
N ASP B 427 -27.72 -1.24 7.24
CA ASP B 427 -28.00 -0.20 6.25
C ASP B 427 -28.30 -0.91 4.90
N TYR B 428 -29.13 -0.27 4.09
CA TYR B 428 -29.58 -0.81 2.84
C TYR B 428 -29.15 0.11 1.71
N GLY B 429 -28.78 -0.50 0.59
CA GLY B 429 -28.32 0.26 -0.55
C GLY B 429 -27.94 -0.64 -1.70
N HIS B 430 -27.27 -0.06 -2.70
CA HIS B 430 -26.93 -0.81 -3.90
C HIS B 430 -25.56 -0.40 -4.46
N LEU B 431 -24.98 -1.29 -5.27
CA LEU B 431 -23.71 -1.05 -5.95
C LEU B 431 -24.01 -0.95 -7.42
N ASP B 432 -23.34 -0.04 -8.13
CA ASP B 432 -23.38 -0.10 -9.59
C ASP B 432 -22.35 -1.09 -10.13
N GLY B 435 -18.65 -1.04 -8.99
CA GLY B 435 -18.56 -1.25 -7.54
C GLY B 435 -18.77 -0.07 -6.58
N PHE B 436 -19.34 1.04 -7.06
CA PHE B 436 -19.61 2.19 -6.19
C PHE B 436 -20.85 1.96 -5.32
N LEU B 437 -20.86 2.57 -4.14
CA LEU B 437 -21.92 2.36 -3.18
C LEU B 437 -22.93 3.51 -3.16
N TYR B 438 -24.19 3.12 -3.00
CA TYR B 438 -25.33 4.04 -2.97
C TYR B 438 -26.31 3.59 -1.86
N PHE B 439 -27.03 4.53 -1.27
CA PHE B 439 -28.13 4.22 -0.29
C PHE B 439 -29.62 3.98 -0.69
#